data_9IIX
#
_entry.id   9IIX
#
_cell.length_a   1.00
_cell.length_b   1.00
_cell.length_c   1.00
_cell.angle_alpha   90.00
_cell.angle_beta   90.00
_cell.angle_gamma   90.00
#
_symmetry.space_group_name_H-M   'P 1'
#
loop_
_entity.id
_entity.type
_entity.pdbx_description
1 polymer 'Guanine nucleotide-binding protein mini g(s) subunit alpha-1'
2 polymer 'Guanine nucleotide-binding protein G(I)/G(S)/G(O) subunit gamma-2'
3 polymer 'Guanine nucleotide-binding protein G(I)/G(S)/G(T) subunit beta-1'
4 polymer 'Taste receptor type 2 member 14'
5 non-polymer 4-methyl-N-[(2M)-2-(1H-tetrazol-5-yl)phenyl]-6-(trifluoromethyl)pyrimidin-2-amine
#
loop_
_entity_poly.entity_id
_entity_poly.type
_entity_poly.pdbx_seq_one_letter_code
_entity_poly.pdbx_strand_id
1 'polypeptide(L)'
;MGCTLSAEDKAAVERSKMNKKIEKQLQKDKQVYRATHRLLLLGADNSGKSTIVKQMRILHGGSGGSGGTSGIFETKFQVD
KVNFHMFDVGAQRDERRKWIQCFNDVTAIIFVVDSSDYNRLQEALNLFKSIWNNRWLRTISVILFLNKQDLLAEKVLAGK
SKIEDYFPEFARYTTPEDATPEPGEDPRVTRAKYFIRDEFLRISTASGDGRHYCYPHFTCSVDTQNVKFVFDAVTDIIIK
ENLKDCGLF
;
D
2 'polypeptide(L)' ASNNTASIAQARKLVEQLKMEANIDRIKVSKAAADLMAYCEAHAKEDPLLTPVPASENPFREKKFFCAIL C
3 'polypeptide(L)'
;GSLLQSELDQLRQEAEQLKNQIRDARKACADATLSQITNNIDPVGRIQMRTRRTLRGHLAKIYAMHWGTDSRLLVSASQD
GKLIIWDSYTTNKVHAIPLRSSWVMTCAYAPSGNYVACGGLDNICSIYNLKTREGNVRVSRELAGHTGYLSCCRFLDDNQ
IVTSSGDTTCALWDIETGQQTTTFTGHTGDVMSLSLAPDTRLFVSGACDASAKLWDVREGMCRQTFTGHESDINAICFFP
NGNAFATGSDDATCRLFDLRADQELMTYSHDNIICGITSVSFSKSGRLLLAGYDDFNCNVWDALKADRAGVLAGHDNRVS
CLGVTDDGMAVATGSWDSFLKIWN
;
B
4 'polypeptide(L)'
;MGGVIKSIFTFVLIVEFIIGNLGNSFIALVNCIDWVKGRKISSVDRILTALAISRISLVWLIFGSWCVSVFFPALFATEK
MFRMLTNIWTVINHFSVWLATGLGTFYFLKIANFSNSIFLYLKWRVKKVVLVLLLVTSVFLFLNIALINIHINASINGYR
RNKTCSSDSSNFTRFSSLIVLTSTVFIFIPFTLSLAMFLLLIFSMWKHRKKMQHTVKISGDASTKAHRGVKSVITFFLLY
AIFSLSFFISVWTSERLEENLIILSQVMGMAYPSCHSCVLILGNKKLRQASLSVLLWLRYMFKDGEPSGHKEFRESS
;
R
#
loop_
_chem_comp.id
_chem_comp.type
_chem_comp.name
_chem_comp.formula
A1AEI non-polymer 4-methyl-N-[(2M)-2-(1H-tetrazol-5-yl)phenyl]-6-(trifluoromethyl)pyrimidin-2-amine 'C13 H10 F3 N7'
#
# COMPACT_ATOMS: atom_id res chain seq x y z
N SER A 6 9.13 -35.42 15.37
CA SER A 6 9.53 -34.17 16.12
C SER A 6 8.49 -33.72 17.09
N ALA A 7 8.37 -34.35 18.26
CA ALA A 7 7.29 -34.08 19.21
C ALA A 7 7.44 -32.69 19.87
N GLU A 8 8.68 -32.28 20.14
CA GLU A 8 9.00 -30.99 20.73
C GLU A 8 8.74 -29.80 19.78
N ASP A 9 8.69 -30.03 18.46
CA ASP A 9 8.34 -28.98 17.48
C ASP A 9 6.85 -28.97 17.10
N LYS A 10 6.12 -30.08 17.18
CA LYS A 10 4.73 -30.16 16.67
C LYS A 10 3.61 -30.11 17.70
N ALA A 11 3.89 -30.18 19.00
CA ALA A 11 2.87 -30.21 20.05
C ALA A 11 1.86 -29.02 20.05
N ALA A 12 0.69 -29.25 20.64
CA ALA A 12 -0.47 -28.36 20.59
C ALA A 12 -0.49 -27.20 21.60
N VAL A 13 0.37 -27.20 22.64
CA VAL A 13 0.31 -26.23 23.74
C VAL A 13 1.10 -24.93 23.45
N GLU A 14 2.35 -25.04 22.98
CA GLU A 14 3.22 -23.88 22.67
C GLU A 14 4.11 -24.07 21.41
N ARG A 15 3.87 -25.14 20.62
CA ARG A 15 4.70 -25.54 19.46
C ARG A 15 3.87 -25.46 18.17
N SER A 16 4.31 -26.02 17.03
CA SER A 16 3.77 -25.63 15.71
C SER A 16 2.24 -25.77 15.54
N LYS A 17 1.55 -26.71 16.21
CA LYS A 17 0.07 -26.75 16.21
C LYS A 17 -0.57 -25.55 16.92
N MET A 18 0.01 -25.05 18.02
CA MET A 18 -0.40 -23.76 18.60
C MET A 18 -0.12 -22.61 17.62
N ASN A 19 1.01 -22.66 16.95
CA ASN A 19 1.41 -21.65 15.97
C ASN A 19 0.56 -21.72 14.67
N LYS A 20 -0.22 -22.78 14.45
CA LYS A 20 -1.37 -22.83 13.50
C LYS A 20 -2.66 -22.22 14.09
N LYS A 21 -2.96 -22.46 15.38
CA LYS A 21 -4.12 -21.85 16.07
C LYS A 21 -4.05 -20.32 16.17
N ILE A 22 -2.85 -19.73 16.21
CA ILE A 22 -2.66 -18.27 16.03
C ILE A 22 -3.26 -17.77 14.69
N GLU A 23 -3.10 -18.51 13.59
CA GLU A 23 -3.59 -18.06 12.28
C GLU A 23 -5.12 -18.00 12.20
N LYS A 24 -5.85 -18.72 13.06
CA LYS A 24 -7.31 -18.55 13.19
C LYS A 24 -7.67 -17.15 13.63
N GLN A 25 -6.96 -16.59 14.63
CA GLN A 25 -7.17 -15.20 15.04
C GLN A 25 -6.78 -14.22 13.95
N LEU A 26 -5.62 -14.38 13.30
CA LEU A 26 -5.24 -13.49 12.20
C LEU A 26 -6.24 -13.54 11.03
N GLN A 27 -6.80 -14.69 10.71
CA GLN A 27 -7.86 -14.84 9.70
C GLN A 27 -9.17 -14.18 10.14
N LYS A 28 -9.56 -14.25 11.43
CA LYS A 28 -10.70 -13.51 11.99
C LYS A 28 -10.46 -12.00 12.07
N ASP A 29 -9.22 -11.57 12.25
CA ASP A 29 -8.85 -10.16 12.38
C ASP A 29 -8.59 -9.45 11.06
N LYS A 30 -8.11 -10.16 10.02
CA LYS A 30 -7.97 -9.63 8.64
C LYS A 30 -9.29 -9.01 8.22
N GLN A 31 -10.34 -9.70 8.62
CA GLN A 31 -11.70 -9.36 8.26
C GLN A 31 -12.18 -8.03 8.83
N VAL A 32 -11.93 -7.75 10.14
CA VAL A 32 -12.31 -6.47 10.72
C VAL A 32 -11.47 -5.30 10.21
N TYR A 33 -10.18 -5.54 9.95
CA TYR A 33 -9.26 -4.56 9.40
C TYR A 33 -9.65 -4.13 7.98
N ARG A 34 -10.09 -5.08 7.15
CA ARG A 34 -10.70 -4.80 5.85
C ARG A 34 -12.05 -4.10 5.93
N ALA A 35 -12.94 -4.53 6.85
CA ALA A 35 -14.27 -3.97 7.01
C ALA A 35 -14.34 -2.55 7.54
N THR A 36 -13.47 -2.18 8.51
CA THR A 36 -13.47 -0.85 9.11
C THR A 36 -12.75 0.18 8.24
N HIS A 37 -13.30 1.40 8.16
CA HIS A 37 -12.69 2.50 7.44
C HIS A 37 -11.91 3.41 8.37
N ARG A 38 -10.74 3.83 7.92
CA ARG A 38 -9.81 4.64 8.71
C ARG A 38 -9.77 6.06 8.19
N LEU A 39 -9.98 7.05 9.05
CA LEU A 39 -10.19 8.44 8.68
C LEU A 39 -9.35 9.41 9.51
N LEU A 40 -8.24 9.89 8.95
CA LEU A 40 -7.41 10.90 9.60
C LEU A 40 -8.15 12.24 9.66
N LEU A 41 -8.21 12.87 10.83
CA LEU A 41 -8.88 14.14 11.05
C LEU A 41 -7.83 15.25 11.23
N LEU A 42 -7.94 16.33 10.46
CA LEU A 42 -6.93 17.39 10.28
C LEU A 42 -7.58 18.79 10.32
N GLY A 43 -6.77 19.83 10.50
CA GLY A 43 -7.22 21.22 10.55
C GLY A 43 -6.47 22.08 11.59
N ALA A 44 -6.93 23.31 11.77
CA ALA A 44 -6.36 24.30 12.70
C ALA A 44 -6.82 24.15 14.16
N ASP A 45 -6.25 24.96 15.07
CA ASP A 45 -6.61 25.06 16.47
C ASP A 45 -8.05 25.57 16.66
N ASN A 46 -8.39 26.65 15.93
CA ASN A 46 -9.73 27.13 15.75
C ASN A 46 -10.34 26.46 14.51
N SER A 47 -11.00 25.30 14.75
CA SER A 47 -11.54 24.44 13.69
C SER A 47 -12.86 23.80 14.06
N GLY A 48 -13.12 23.58 15.37
CA GLY A 48 -14.36 22.93 15.79
C GLY A 48 -14.39 21.43 15.57
N LYS A 49 -13.29 20.80 15.13
CA LYS A 49 -13.21 19.33 14.94
C LYS A 49 -13.44 18.53 16.23
N SER A 50 -13.07 19.11 17.37
CA SER A 50 -13.41 18.58 18.69
C SER A 50 -14.93 18.57 18.96
N THR A 51 -15.71 19.49 18.37
CA THR A 51 -17.17 19.40 18.37
C THR A 51 -17.64 18.35 17.38
N ILE A 52 -17.04 18.29 16.18
CA ILE A 52 -17.40 17.31 15.13
C ILE A 52 -17.31 15.88 15.66
N VAL A 53 -16.26 15.49 16.39
CA VAL A 53 -16.20 14.12 16.94
C VAL A 53 -17.39 13.80 17.86
N LYS A 54 -17.98 14.77 18.58
CA LYS A 54 -19.21 14.54 19.33
C LYS A 54 -20.41 14.26 18.44
N GLN A 55 -20.53 15.00 17.32
CA GLN A 55 -21.52 14.76 16.28
C GLN A 55 -21.36 13.39 15.61
N MET A 56 -20.10 12.91 15.51
CA MET A 56 -19.81 11.55 15.02
C MET A 56 -20.26 10.46 16.01
N ARG A 57 -20.14 10.69 17.33
CA ARG A 57 -20.41 9.69 18.35
C ARG A 57 -21.89 9.51 18.68
N ILE A 58 -22.44 8.34 18.31
CA ILE A 58 -23.76 7.90 18.74
C ILE A 58 -23.62 6.77 19.76
N LEU A 59 -22.42 6.60 20.32
CA LEU A 59 -22.12 5.57 21.30
C LEU A 59 -22.49 6.04 22.71
N HIS A 60 -23.34 5.27 23.41
CA HIS A 60 -23.73 5.50 24.81
C HIS A 60 -22.57 5.42 25.79
N GLY A 61 -21.66 4.43 25.60
CA GLY A 61 -20.41 4.35 26.35
C GLY A 61 -19.45 5.47 26.02
N GLY A 62 -18.79 6.05 27.03
CA GLY A 62 -17.72 7.03 26.84
C GLY A 62 -16.48 6.51 26.16
N SER A 63 -15.77 7.38 25.42
CA SER A 63 -14.54 7.04 24.74
C SER A 63 -13.40 7.91 25.23
N GLY A 64 -12.26 7.29 25.61
CA GLY A 64 -11.04 7.99 25.98
C GLY A 64 -10.38 8.64 24.77
N GLY A 65 -10.38 9.98 24.76
CA GLY A 65 -9.64 10.84 23.88
C GLY A 65 -8.49 11.50 24.57
N SER A 66 -8.40 12.86 24.42
CA SER A 66 -7.32 13.68 24.99
C SER A 66 -7.20 13.57 26.49
N GLY A 67 -6.03 13.28 27.02
CA GLY A 67 -5.79 13.00 28.41
C GLY A 67 -4.35 13.18 28.73
N GLY A 68 -3.99 14.38 29.18
CA GLY A 68 -2.61 14.75 29.45
C GLY A 68 -1.80 14.88 28.16
N THR A 69 -0.65 14.20 28.08
CA THR A 69 0.23 14.21 26.90
C THR A 69 -0.15 13.17 25.84
N SER A 70 -1.36 12.60 25.85
CA SER A 70 -1.75 11.51 24.93
C SER A 70 -1.76 11.94 23.46
N GLY A 71 -1.24 11.08 22.58
CA GLY A 71 -0.79 11.52 21.26
C GLY A 71 -1.75 11.35 20.09
N ILE A 72 -2.86 10.63 20.26
CA ILE A 72 -3.85 10.37 19.21
C ILE A 72 -5.18 9.98 19.83
N PHE A 73 -6.30 10.50 19.30
CA PHE A 73 -7.63 10.36 19.91
C PHE A 73 -8.53 9.43 19.08
N GLU A 74 -8.13 8.17 18.93
CA GLU A 74 -8.93 7.16 18.24
C GLU A 74 -10.40 7.20 18.72
N THR A 75 -11.32 7.34 17.78
CA THR A 75 -12.75 7.53 17.99
C THR A 75 -13.51 6.63 17.02
N LYS A 76 -14.65 6.09 17.48
CA LYS A 76 -15.36 5.03 16.80
C LYS A 76 -16.80 5.43 16.55
N PHE A 77 -17.32 5.13 15.36
CA PHE A 77 -18.73 5.34 15.05
C PHE A 77 -19.11 4.40 13.93
N GLN A 78 -20.42 4.30 13.60
CA GLN A 78 -20.86 3.49 12.50
C GLN A 78 -22.09 4.08 11.86
N VAL A 79 -22.25 3.84 10.53
CA VAL A 79 -23.40 4.26 9.75
C VAL A 79 -23.75 3.06 8.91
N ASP A 80 -25.04 2.66 8.85
CA ASP A 80 -25.57 1.52 8.10
C ASP A 80 -24.80 0.20 8.30
N LYS A 81 -24.32 -0.02 9.55
CA LYS A 81 -23.53 -1.15 9.99
C LYS A 81 -22.11 -1.22 9.40
N VAL A 82 -21.61 -0.08 8.88
CA VAL A 82 -20.25 0.09 8.41
C VAL A 82 -19.49 0.87 9.46
N ASN A 83 -18.37 0.28 9.95
CA ASN A 83 -17.60 0.84 11.04
C ASN A 83 -16.56 1.83 10.56
N PHE A 84 -16.39 2.91 11.35
CA PHE A 84 -15.42 3.94 11.10
C PHE A 84 -14.54 4.14 12.32
N HIS A 85 -13.22 4.09 12.12
CA HIS A 85 -12.23 4.43 13.11
C HIS A 85 -11.60 5.74 12.66
N MET A 86 -11.61 6.74 13.53
CA MET A 86 -11.29 8.11 13.21
C MET A 86 -10.24 8.64 14.17
N PHE A 87 -9.28 9.39 13.67
CA PHE A 87 -8.04 9.66 14.41
C PHE A 87 -7.71 11.13 14.40
N ASP A 88 -8.17 11.89 15.38
CA ASP A 88 -7.63 13.21 15.61
C ASP A 88 -6.22 13.06 16.19
N VAL A 89 -5.19 13.46 15.47
CA VAL A 89 -3.83 13.41 15.98
C VAL A 89 -3.68 14.44 17.10
N GLY A 90 -3.30 13.96 18.27
CA GLY A 90 -3.41 14.65 19.55
C GLY A 90 -2.19 15.51 19.89
N ALA A 91 -1.63 15.30 21.08
CA ALA A 91 -0.42 15.98 21.52
C ALA A 91 0.77 15.54 20.65
N GLN A 92 1.07 16.34 19.62
CA GLN A 92 2.15 16.24 18.64
C GLN A 92 2.62 17.66 18.27
N ARG A 93 3.85 17.79 17.77
CA ARG A 93 4.41 19.08 17.33
C ARG A 93 4.02 19.42 15.88
N ASP A 94 4.19 20.69 15.49
CA ASP A 94 3.93 21.23 14.14
C ASP A 94 4.97 20.82 13.06
N GLU A 95 5.50 19.59 13.14
CA GLU A 95 6.48 19.02 12.19
C GLU A 95 5.82 17.96 11.29
N ARG A 96 4.56 18.18 10.90
CA ARG A 96 3.61 17.14 10.47
C ARG A 96 4.07 16.24 9.33
N ARG A 97 4.99 16.69 8.49
CA ARG A 97 5.67 15.91 7.43
C ARG A 97 6.26 14.57 7.93
N LYS A 98 6.50 14.41 9.25
CA LYS A 98 6.96 13.17 9.88
C LYS A 98 5.82 12.25 10.28
N TRP A 99 4.91 12.65 11.17
CA TRP A 99 3.84 11.74 11.61
C TRP A 99 2.80 11.45 10.54
N ILE A 100 2.74 12.23 9.46
CA ILE A 100 1.78 12.02 8.36
C ILE A 100 2.07 10.76 7.54
N GLN A 101 3.30 10.24 7.53
CA GLN A 101 3.67 9.03 6.79
C GLN A 101 2.84 7.82 7.21
N CYS A 102 2.48 7.72 8.49
CA CYS A 102 1.67 6.65 9.04
C CYS A 102 0.30 6.53 8.36
N PHE A 103 -0.20 7.63 7.80
CA PHE A 103 -1.56 7.74 7.28
C PHE A 103 -1.67 7.56 5.77
N ASN A 104 -0.60 7.18 5.08
CA ASN A 104 -0.64 6.70 3.69
C ASN A 104 -1.69 5.58 3.44
N ASP A 105 -2.14 4.88 4.48
CA ASP A 105 -3.16 3.83 4.42
C ASP A 105 -4.61 4.34 4.33
N VAL A 106 -4.92 5.54 4.82
CA VAL A 106 -6.30 5.88 5.22
C VAL A 106 -7.29 5.91 4.07
N THR A 107 -8.57 5.66 4.38
CA THR A 107 -9.67 5.77 3.41
C THR A 107 -9.84 7.19 2.90
N ALA A 108 -9.78 8.18 3.79
CA ALA A 108 -9.81 9.60 3.47
C ALA A 108 -9.17 10.39 4.60
N ILE A 109 -8.74 11.61 4.31
CA ILE A 109 -8.56 12.66 5.32
C ILE A 109 -9.88 13.39 5.47
N ILE A 110 -10.19 13.91 6.66
CA ILE A 110 -11.20 14.94 6.86
C ILE A 110 -10.49 16.20 7.33
N PHE A 111 -10.55 17.28 6.56
CA PHE A 111 -9.90 18.54 6.87
C PHE A 111 -10.96 19.54 7.31
N VAL A 112 -10.86 20.05 8.54
CA VAL A 112 -11.89 20.88 9.17
C VAL A 112 -11.37 22.29 9.38
N VAL A 113 -12.12 23.29 8.91
CA VAL A 113 -11.77 24.70 8.92
C VAL A 113 -12.89 25.52 9.56
N ASP A 114 -12.60 26.38 10.52
CA ASP A 114 -13.52 27.47 10.86
C ASP A 114 -13.71 28.41 9.66
N SER A 115 -14.76 28.17 8.88
CA SER A 115 -15.13 28.99 7.74
C SER A 115 -15.91 30.17 8.31
N SER A 116 -15.21 31.19 8.82
CA SER A 116 -15.80 32.16 9.72
C SER A 116 -15.11 33.50 9.58
N ASP A 117 -14.60 33.79 8.36
CA ASP A 117 -14.01 35.08 7.99
C ASP A 117 -12.85 35.49 8.89
N TYR A 118 -11.90 34.59 9.13
CA TYR A 118 -10.71 34.89 9.89
C TYR A 118 -9.59 35.27 8.94
N ASN A 119 -8.65 36.13 9.38
CA ASN A 119 -7.37 36.32 8.71
C ASN A 119 -6.61 35.00 8.58
N ARG A 120 -6.73 34.17 9.62
CA ARG A 120 -6.17 32.84 9.68
C ARG A 120 -6.75 31.85 8.66
N LEU A 121 -7.84 32.16 7.96
CA LEU A 121 -8.30 31.35 6.84
C LEU A 121 -7.22 31.12 5.80
N GLN A 122 -6.31 32.09 5.62
CA GLN A 122 -5.14 31.97 4.74
C GLN A 122 -4.12 30.92 5.22
N GLU A 123 -3.97 30.70 6.53
CA GLU A 123 -3.17 29.59 7.04
C GLU A 123 -3.83 28.25 6.75
N ALA A 124 -5.17 28.16 6.86
CA ALA A 124 -5.90 26.95 6.50
C ALA A 124 -5.77 26.63 5.01
N LEU A 125 -5.75 27.63 4.13
CA LEU A 125 -5.45 27.48 2.71
C LEU A 125 -3.99 27.03 2.46
N ASN A 126 -3.00 27.62 3.14
CA ASN A 126 -1.61 27.14 3.06
C ASN A 126 -1.46 25.69 3.55
N LEU A 127 -2.17 25.30 4.63
CA LEU A 127 -2.14 23.92 5.12
C LEU A 127 -2.79 22.96 4.14
N PHE A 128 -3.97 23.26 3.61
CA PHE A 128 -4.61 22.41 2.60
C PHE A 128 -3.72 22.27 1.37
N LYS A 129 -3.02 23.33 0.93
CA LYS A 129 -2.03 23.24 -0.15
C LYS A 129 -0.84 22.35 0.20
N SER A 130 -0.39 22.34 1.45
CA SER A 130 0.67 21.45 1.91
C SER A 130 0.21 19.98 1.98
N ILE A 131 -0.98 19.73 2.52
CA ILE A 131 -1.57 18.40 2.73
C ILE A 131 -2.04 17.77 1.43
N TRP A 132 -2.78 18.49 0.58
CA TRP A 132 -3.26 18.01 -0.72
C TRP A 132 -2.13 17.52 -1.62
N ASN A 133 -0.99 18.22 -1.60
CA ASN A 133 0.20 17.93 -2.38
C ASN A 133 1.26 17.09 -1.64
N ASN A 134 1.02 16.62 -0.42
CA ASN A 134 2.04 15.88 0.32
C ASN A 134 2.36 14.53 -0.34
N ARG A 135 3.65 14.17 -0.46
CA ARG A 135 4.07 12.97 -1.20
C ARG A 135 3.50 11.66 -0.67
N TRP A 136 3.16 11.59 0.61
CA TRP A 136 2.53 10.42 1.24
C TRP A 136 1.02 10.34 1.04
N LEU A 137 0.40 11.43 0.64
CA LEU A 137 -1.04 11.61 0.54
C LEU A 137 -1.56 11.66 -0.90
N ARG A 138 -0.69 11.47 -1.91
CA ARG A 138 -1.00 11.58 -3.35
C ARG A 138 -2.20 10.77 -3.83
N THR A 139 -2.54 9.65 -3.17
CA THR A 139 -3.70 8.83 -3.52
C THR A 139 -4.88 9.03 -2.56
N ILE A 140 -4.69 9.79 -1.47
CA ILE A 140 -5.66 9.93 -0.39
C ILE A 140 -6.56 11.14 -0.66
N SER A 141 -7.85 10.86 -0.82
CA SER A 141 -8.89 11.86 -0.92
C SER A 141 -9.03 12.69 0.36
N VAL A 142 -9.40 13.96 0.22
CA VAL A 142 -9.70 14.84 1.34
C VAL A 142 -11.18 15.14 1.32
N ILE A 143 -11.91 14.79 2.36
CA ILE A 143 -13.21 15.37 2.67
C ILE A 143 -12.95 16.71 3.35
N LEU A 144 -13.61 17.78 2.93
CA LEU A 144 -13.34 19.13 3.42
C LEU A 144 -14.58 19.67 4.11
N PHE A 145 -14.46 20.03 5.38
CA PHE A 145 -15.53 20.65 6.15
C PHE A 145 -15.23 22.14 6.33
N LEU A 146 -16.03 22.96 5.67
CA LEU A 146 -16.18 24.38 5.98
C LEU A 146 -17.13 24.45 7.17
N ASN A 147 -16.58 24.49 8.37
CA ASN A 147 -17.30 24.43 9.63
C ASN A 147 -17.65 25.83 10.16
N LYS A 148 -18.59 25.87 11.11
CA LYS A 148 -19.06 27.08 11.75
C LYS A 148 -19.62 28.12 10.79
N GLN A 149 -20.48 27.69 9.86
CA GLN A 149 -21.07 28.61 8.90
C GLN A 149 -22.38 29.20 9.39
N ASP A 150 -22.79 28.81 10.62
CA ASP A 150 -23.69 29.55 11.48
C ASP A 150 -23.07 30.91 11.84
N LEU A 151 -21.81 30.92 12.30
CA LEU A 151 -21.03 32.12 12.58
C LEU A 151 -20.74 32.96 11.34
N LEU A 152 -20.45 32.32 10.19
CA LEU A 152 -20.31 33.01 8.91
C LEU A 152 -21.58 33.72 8.50
N ALA A 153 -22.75 33.06 8.62
CA ALA A 153 -24.03 33.68 8.37
C ALA A 153 -24.31 34.85 9.30
N GLU A 154 -24.10 34.72 10.63
CA GLU A 154 -24.26 35.82 11.56
C GLU A 154 -23.36 37.01 11.27
N LYS A 155 -22.07 36.77 10.99
CA LYS A 155 -21.13 37.83 10.69
C LYS A 155 -21.42 38.59 9.40
N VAL A 156 -21.76 37.87 8.31
CA VAL A 156 -22.12 38.45 7.02
C VAL A 156 -23.48 39.14 7.04
N LEU A 157 -24.52 38.54 7.68
CA LEU A 157 -25.83 39.17 7.84
C LEU A 157 -25.77 40.46 8.64
N ALA A 158 -24.93 40.49 9.69
CA ALA A 158 -24.67 41.66 10.50
C ALA A 158 -23.85 42.73 9.79
N GLY A 159 -23.23 42.43 8.62
CA GLY A 159 -22.47 43.39 7.84
C GLY A 159 -21.10 43.69 8.38
N LYS A 160 -20.64 42.88 9.35
CA LYS A 160 -19.37 43.08 10.02
C LYS A 160 -18.29 42.15 9.50
N SER A 161 -18.59 41.37 8.44
CA SER A 161 -17.61 40.66 7.62
C SER A 161 -16.66 41.59 6.88
N LYS A 162 -15.42 41.13 6.66
CA LYS A 162 -14.31 41.96 6.18
C LYS A 162 -13.55 41.26 5.08
N ILE A 163 -14.18 40.30 4.39
CA ILE A 163 -13.49 39.35 3.53
C ILE A 163 -12.66 39.95 2.40
N GLU A 164 -13.14 40.99 1.69
CA GLU A 164 -12.40 41.71 0.65
C GLU A 164 -11.12 42.37 1.16
N ASP A 165 -11.14 42.90 2.41
CA ASP A 165 -10.06 43.63 3.04
C ASP A 165 -8.76 42.82 3.18
N TYR A 166 -8.85 41.47 3.16
CA TYR A 166 -7.68 40.61 3.15
C TYR A 166 -7.74 39.42 2.20
N PHE A 167 -8.86 39.21 1.47
CA PHE A 167 -8.90 38.36 0.29
C PHE A 167 -9.30 39.24 -0.89
N PRO A 168 -8.38 39.96 -1.56
CA PRO A 168 -8.70 41.12 -2.40
C PRO A 168 -9.13 40.72 -3.81
N GLU A 169 -10.08 39.78 -3.90
CA GLU A 169 -10.66 39.27 -5.11
C GLU A 169 -12.10 38.84 -4.89
N PHE A 170 -12.65 39.00 -3.67
CA PHE A 170 -14.04 38.68 -3.35
C PHE A 170 -15.01 39.59 -4.10
N ALA A 171 -14.69 40.89 -4.18
CA ALA A 171 -15.45 41.88 -4.89
C ALA A 171 -15.54 41.61 -6.39
N ARG A 172 -14.45 41.09 -6.97
CA ARG A 172 -14.38 40.60 -8.33
C ARG A 172 -15.08 39.26 -8.57
N TYR A 173 -14.93 38.28 -7.65
CA TYR A 173 -15.63 37.01 -7.64
C TYR A 173 -17.15 37.14 -7.55
N THR A 174 -17.91 36.24 -8.19
CA THR A 174 -19.37 36.24 -8.08
C THR A 174 -19.85 34.81 -7.99
N THR A 175 -21.07 34.60 -7.46
CA THR A 175 -21.65 33.31 -7.13
C THR A 175 -21.80 32.38 -8.34
N PRO A 176 -21.32 31.14 -8.36
CA PRO A 176 -21.35 30.31 -9.55
C PRO A 176 -22.69 29.61 -9.69
N GLU A 177 -23.02 29.11 -10.90
CA GLU A 177 -24.25 28.38 -11.20
C GLU A 177 -24.28 26.97 -10.59
N ASP A 178 -23.11 26.52 -10.10
CA ASP A 178 -22.92 25.41 -9.19
C ASP A 178 -23.68 25.60 -7.86
N ALA A 179 -23.83 26.85 -7.39
CA ALA A 179 -24.39 27.16 -6.10
C ALA A 179 -25.84 26.75 -5.84
N THR A 180 -26.05 25.87 -4.86
CA THR A 180 -27.35 25.39 -4.41
C THR A 180 -27.61 25.82 -2.96
N PRO A 181 -27.92 27.08 -2.65
CA PRO A 181 -28.08 27.53 -1.27
C PRO A 181 -29.36 27.06 -0.59
N GLU A 182 -29.36 27.03 0.76
CA GLU A 182 -30.51 26.67 1.57
C GLU A 182 -31.63 27.71 1.47
N PRO A 183 -32.92 27.38 1.62
CA PRO A 183 -33.99 28.36 1.52
C PRO A 183 -33.87 29.54 2.48
N GLY A 184 -33.83 30.77 1.93
CA GLY A 184 -33.74 32.00 2.70
C GLY A 184 -32.34 32.52 2.95
N GLU A 185 -31.28 31.84 2.47
CA GLU A 185 -29.93 32.39 2.57
C GLU A 185 -29.68 33.65 1.73
N ASP A 186 -29.09 34.68 2.38
CA ASP A 186 -28.76 35.96 1.80
C ASP A 186 -27.74 35.88 0.63
N PRO A 187 -27.83 36.70 -0.42
CA PRO A 187 -26.85 36.72 -1.52
C PRO A 187 -25.41 36.95 -1.11
N ARG A 188 -25.14 37.71 -0.04
CA ARG A 188 -23.81 37.92 0.47
C ARG A 188 -23.28 36.69 1.18
N VAL A 189 -24.14 36.03 1.98
CA VAL A 189 -23.85 34.80 2.71
C VAL A 189 -23.52 33.65 1.76
N THR A 190 -24.33 33.50 0.70
CA THR A 190 -24.11 32.49 -0.34
C THR A 190 -22.85 32.74 -1.15
N ARG A 191 -22.61 34.00 -1.57
CA ARG A 191 -21.37 34.41 -2.23
C ARG A 191 -20.13 34.19 -1.37
N ALA A 192 -20.19 34.51 -0.07
CA ALA A 192 -19.12 34.27 0.88
C ALA A 192 -18.79 32.79 1.11
N LYS A 193 -19.81 31.93 1.36
CA LYS A 193 -19.55 30.51 1.56
C LYS A 193 -18.98 29.82 0.32
N TYR A 194 -19.51 30.14 -0.87
CA TYR A 194 -19.03 29.62 -2.14
C TYR A 194 -17.65 30.16 -2.51
N PHE A 195 -17.31 31.43 -2.23
CA PHE A 195 -15.95 31.94 -2.44
C PHE A 195 -14.91 31.18 -1.63
N ILE A 196 -15.19 30.95 -0.32
CA ILE A 196 -14.30 30.21 0.55
C ILE A 196 -14.16 28.76 0.08
N ARG A 197 -15.24 28.15 -0.37
CA ARG A 197 -15.27 26.83 -0.97
C ARG A 197 -14.40 26.75 -2.23
N ASP A 198 -14.54 27.69 -3.16
CA ASP A 198 -13.78 27.77 -4.39
C ASP A 198 -12.29 28.05 -4.17
N GLU A 199 -11.91 28.84 -3.15
CA GLU A 199 -10.52 29.03 -2.77
C GLU A 199 -9.81 27.74 -2.39
N PHE A 200 -10.49 26.81 -1.71
CA PHE A 200 -9.97 25.45 -1.55
C PHE A 200 -9.99 24.65 -2.85
N LEU A 201 -11.07 24.66 -3.63
CA LEU A 201 -11.11 23.95 -4.91
C LEU A 201 -10.07 24.45 -5.91
N ARG A 202 -9.62 25.70 -5.79
CA ARG A 202 -8.57 26.29 -6.62
C ARG A 202 -7.19 25.71 -6.33
N ILE A 203 -7.01 25.21 -5.11
CA ILE A 203 -5.89 24.36 -4.71
C ILE A 203 -6.11 22.91 -5.17
N SER A 204 -7.30 22.34 -4.98
CA SER A 204 -7.53 20.92 -5.22
C SER A 204 -7.53 20.53 -6.69
N THR A 205 -8.12 21.34 -7.56
CA THR A 205 -8.14 21.10 -9.01
C THR A 205 -6.79 21.36 -9.69
N ALA A 206 -5.94 22.23 -9.14
CA ALA A 206 -4.64 22.55 -9.73
C ALA A 206 -3.65 21.36 -9.81
N SER A 207 -3.84 20.31 -9.02
CA SER A 207 -2.98 19.10 -9.03
C SER A 207 -3.72 17.79 -8.80
N GLY A 208 -5.03 17.82 -8.53
CA GLY A 208 -5.89 16.65 -8.34
C GLY A 208 -6.22 15.91 -9.64
N ASP A 209 -5.20 15.41 -10.33
CA ASP A 209 -5.30 14.86 -11.70
C ASP A 209 -6.02 13.50 -11.81
N GLY A 210 -6.81 13.13 -10.80
CA GLY A 210 -7.67 11.96 -10.81
C GLY A 210 -7.19 10.83 -9.92
N ARG A 211 -6.02 10.98 -9.29
CA ARG A 211 -5.55 10.14 -8.18
C ARG A 211 -6.48 10.25 -6.96
N HIS A 212 -6.83 11.47 -6.60
CA HIS A 212 -7.56 11.84 -5.39
C HIS A 212 -8.53 12.99 -5.65
N TYR A 213 -9.60 13.04 -4.86
CA TYR A 213 -10.72 13.95 -5.03
C TYR A 213 -11.02 14.72 -3.73
N CYS A 214 -11.45 15.96 -3.84
CA CYS A 214 -11.83 16.79 -2.71
C CYS A 214 -13.35 16.87 -2.61
N TYR A 215 -13.91 16.61 -1.44
CA TYR A 215 -15.35 16.64 -1.21
C TYR A 215 -15.65 17.78 -0.25
N PRO A 216 -15.87 19.00 -0.75
CA PRO A 216 -16.24 20.14 0.09
C PRO A 216 -17.67 20.03 0.60
N HIS A 217 -17.86 20.30 1.89
CA HIS A 217 -19.15 20.39 2.56
C HIS A 217 -19.22 21.63 3.45
N PHE A 218 -20.42 22.15 3.65
CA PHE A 218 -20.72 23.21 4.62
C PHE A 218 -21.36 22.58 5.86
N THR A 219 -20.89 22.92 7.05
CA THR A 219 -21.32 22.32 8.32
C THR A 219 -21.24 23.32 9.47
N CYS A 220 -21.94 23.05 10.57
CA CYS A 220 -22.14 23.99 11.66
C CYS A 220 -21.85 23.31 12.97
N SER A 221 -21.87 24.04 14.11
CA SER A 221 -21.57 23.42 15.40
C SER A 221 -22.51 22.30 15.80
N VAL A 222 -23.81 22.44 15.50
CA VAL A 222 -24.77 21.37 15.64
C VAL A 222 -25.47 21.13 14.30
N ASP A 223 -24.98 20.17 13.52
CA ASP A 223 -25.78 19.49 12.53
C ASP A 223 -25.53 18.00 12.72
N THR A 224 -26.49 17.13 12.36
CA THR A 224 -26.40 15.68 12.61
C THR A 224 -25.91 15.00 11.34
N GLN A 225 -25.60 15.73 10.26
CA GLN A 225 -25.42 15.10 8.97
C GLN A 225 -23.96 14.82 8.68
N ASN A 226 -23.02 15.18 9.54
CA ASN A 226 -21.60 14.84 9.35
C ASN A 226 -21.34 13.34 9.23
N VAL A 227 -21.98 12.47 10.03
CA VAL A 227 -21.82 11.02 9.88
C VAL A 227 -22.23 10.51 8.50
N LYS A 228 -23.35 11.02 7.97
CA LYS A 228 -23.82 10.74 6.62
C LYS A 228 -22.88 11.30 5.56
N PHE A 229 -22.44 12.56 5.66
CA PHE A 229 -21.52 13.17 4.69
C PHE A 229 -20.25 12.33 4.53
N VAL A 230 -19.70 11.83 5.64
CA VAL A 230 -18.54 10.95 5.61
C VAL A 230 -18.88 9.57 5.03
N PHE A 231 -20.01 8.97 5.37
CA PHE A 231 -20.47 7.73 4.75
C PHE A 231 -20.68 7.83 3.23
N ASP A 232 -21.36 8.89 2.76
CA ASP A 232 -21.62 9.14 1.36
C ASP A 232 -20.30 9.35 0.59
N ALA A 233 -19.40 10.14 1.15
CA ALA A 233 -18.12 10.44 0.54
C ALA A 233 -17.14 9.26 0.55
N VAL A 234 -17.09 8.41 1.58
CA VAL A 234 -16.27 7.18 1.49
C VAL A 234 -16.86 6.18 0.50
N THR A 235 -18.18 6.10 0.37
CA THR A 235 -18.83 5.29 -0.66
C THR A 235 -18.44 5.73 -2.05
N ASP A 236 -18.33 7.03 -2.36
CA ASP A 236 -17.76 7.44 -3.64
C ASP A 236 -16.26 7.12 -3.79
N ILE A 237 -15.44 7.34 -2.76
CA ILE A 237 -14.01 7.03 -2.78
C ILE A 237 -13.77 5.54 -3.02
N ILE A 238 -14.51 4.67 -2.34
CA ILE A 238 -14.35 3.20 -2.42
C ILE A 238 -14.75 2.68 -3.79
N ILE A 239 -15.88 3.14 -4.35
CA ILE A 239 -16.30 2.70 -5.69
C ILE A 239 -15.29 3.13 -6.74
N LYS A 240 -14.74 4.35 -6.66
CA LYS A 240 -13.61 4.76 -7.51
C LYS A 240 -12.40 3.86 -7.34
N GLU A 241 -12.02 3.48 -6.13
CA GLU A 241 -10.91 2.54 -5.91
C GLU A 241 -11.18 1.17 -6.53
N ASN A 242 -12.38 0.63 -6.42
CA ASN A 242 -12.73 -0.67 -7.01
C ASN A 242 -12.74 -0.64 -8.54
N LEU A 243 -13.23 0.43 -9.16
CA LEU A 243 -13.14 0.61 -10.61
C LEU A 243 -11.69 0.63 -11.07
N LYS A 244 -10.81 1.35 -10.37
CA LYS A 244 -9.37 1.35 -10.67
C LYS A 244 -8.71 0.00 -10.44
N ASP A 245 -9.08 -0.74 -9.39
CA ASP A 245 -8.58 -2.09 -9.13
C ASP A 245 -8.93 -3.04 -10.28
N CYS A 246 -10.13 -2.92 -10.86
CA CYS A 246 -10.54 -3.62 -12.07
C CYS A 246 -9.86 -3.13 -13.36
N GLY A 247 -9.15 -2.00 -13.36
CA GLY A 247 -8.68 -1.34 -14.59
C GLY A 247 -9.82 -0.84 -15.47
N LEU A 248 -10.99 -0.57 -14.88
CA LEU A 248 -12.24 -0.26 -15.59
C LEU A 248 -12.53 1.26 -15.64
N PHE A 249 -11.58 2.10 -15.20
CA PHE A 249 -11.68 3.56 -15.07
C PHE A 249 -10.30 4.23 -15.15
N ALA B 11 23.47 29.27 27.13
CA ALA B 11 24.43 28.56 26.23
C ALA B 11 25.58 27.95 27.03
N ARG B 12 25.46 27.96 28.36
CA ARG B 12 26.51 27.40 29.20
C ARG B 12 26.70 25.91 28.95
N LYS B 13 25.59 25.18 28.80
CA LYS B 13 25.67 23.74 28.58
C LYS B 13 26.38 23.43 27.27
N LEU B 14 26.08 24.19 26.22
CA LEU B 14 26.70 23.93 24.92
C LEU B 14 28.22 24.13 24.98
N VAL B 15 28.65 25.23 25.60
CA VAL B 15 30.08 25.50 25.68
C VAL B 15 30.76 24.48 26.58
N GLU B 16 30.10 24.06 27.67
CA GLU B 16 30.68 23.04 28.53
C GLU B 16 30.86 21.73 27.78
N GLN B 17 29.84 21.33 27.01
CA GLN B 17 29.94 20.11 26.22
C GLN B 17 31.05 20.21 25.18
N LEU B 18 31.15 21.37 24.52
CA LEU B 18 32.21 21.54 23.53
C LEU B 18 33.59 21.45 24.16
N LYS B 19 33.77 22.08 25.33
CA LYS B 19 35.05 22.00 26.02
C LYS B 19 35.36 20.57 26.44
N MET B 20 34.37 19.84 26.95
CA MET B 20 34.58 18.46 27.34
C MET B 20 34.98 17.60 26.13
N GLU B 21 34.29 17.80 25.00
CA GLU B 21 34.62 17.03 23.80
C GLU B 21 36.01 17.37 23.28
N ALA B 22 36.40 18.64 23.36
CA ALA B 22 37.70 19.04 22.84
C ALA B 22 38.84 18.35 23.60
N ASN B 23 38.72 18.25 24.92
CA ASN B 23 39.75 17.63 25.75
C ASN B 23 39.58 16.11 25.67
N ILE B 24 40.10 15.54 24.58
CA ILE B 24 40.04 14.10 24.36
C ILE B 24 41.24 13.69 23.51
N ASP B 25 41.80 12.53 23.80
CA ASP B 25 42.94 12.02 23.05
C ASP B 25 42.45 11.33 21.78
N ARG B 26 42.96 11.76 20.63
CA ARG B 26 42.60 11.22 19.34
C ARG B 26 43.80 10.54 18.70
N ILE B 27 43.62 9.29 18.29
CA ILE B 27 44.69 8.53 17.64
C ILE B 27 44.75 8.92 16.17
N LYS B 28 45.84 8.58 15.50
CA LYS B 28 45.99 8.90 14.09
C LYS B 28 44.96 8.15 13.26
N VAL B 29 44.46 8.82 12.21
CA VAL B 29 43.48 8.18 11.34
C VAL B 29 44.10 6.96 10.65
N SER B 30 45.38 7.06 10.29
CA SER B 30 46.06 5.91 9.68
C SER B 30 46.11 4.74 10.64
N LYS B 31 46.36 5.00 11.93
CA LYS B 31 46.37 3.94 12.92
C LYS B 31 45.00 3.27 13.02
N ALA B 32 43.93 4.07 13.03
CA ALA B 32 42.59 3.50 13.09
C ALA B 32 42.30 2.66 11.86
N ALA B 33 42.69 3.14 10.67
CA ALA B 33 42.48 2.36 9.46
C ALA B 33 43.25 1.05 9.51
N ALA B 34 44.49 1.09 9.99
CA ALA B 34 45.28 -0.14 10.11
C ALA B 34 44.64 -1.10 11.09
N ASP B 35 44.14 -0.60 12.21
CA ASP B 35 43.47 -1.46 13.17
C ASP B 35 42.22 -2.10 12.57
N LEU B 36 41.43 -1.32 11.83
CA LEU B 36 40.25 -1.87 11.18
C LEU B 36 40.63 -2.95 10.17
N MET B 37 41.67 -2.70 9.37
CA MET B 37 42.11 -3.68 8.40
C MET B 37 42.59 -4.96 9.08
N ALA B 38 43.33 -4.82 10.18
CA ALA B 38 43.80 -6.00 10.90
C ALA B 38 42.64 -6.79 11.48
N TYR B 39 41.65 -6.10 12.05
CA TYR B 39 40.49 -6.79 12.58
C TYR B 39 39.72 -7.52 11.48
N CYS B 40 39.55 -6.87 10.33
CA CYS B 40 38.86 -7.51 9.22
C CYS B 40 39.62 -8.75 8.74
N GLU B 41 40.95 -8.64 8.63
CA GLU B 41 41.75 -9.80 8.21
C GLU B 41 41.65 -10.93 9.21
N ALA B 42 41.68 -10.62 10.51
CA ALA B 42 41.61 -11.66 11.53
C ALA B 42 40.28 -12.41 11.46
N HIS B 43 39.19 -11.68 11.26
CA HIS B 43 37.85 -12.27 11.21
C HIS B 43 37.34 -12.46 9.78
N ALA B 44 38.24 -12.37 8.80
CA ALA B 44 37.82 -12.51 7.40
C ALA B 44 37.27 -13.91 7.14
N LYS B 45 37.93 -14.94 7.67
CA LYS B 45 37.47 -16.31 7.44
C LYS B 45 36.24 -16.63 8.26
N GLU B 46 36.07 -16.00 9.42
CA GLU B 46 34.96 -16.31 10.30
C GLU B 46 33.63 -15.73 9.80
N ASP B 47 33.65 -14.86 8.81
CA ASP B 47 32.41 -14.25 8.33
C ASP B 47 31.68 -15.21 7.41
N PRO B 48 30.39 -15.55 7.69
CA PRO B 48 29.56 -16.35 6.79
C PRO B 48 29.30 -15.72 5.41
N LEU B 49 29.05 -14.41 5.35
CA LEU B 49 28.71 -13.74 4.09
C LEU B 49 29.95 -13.60 3.20
N LEU B 50 31.12 -13.29 3.77
CA LEU B 50 32.29 -12.98 2.95
C LEU B 50 32.84 -14.22 2.27
N THR B 51 32.93 -15.32 3.00
CA THR B 51 33.37 -16.60 2.46
C THR B 51 32.23 -17.61 2.58
N PRO B 52 31.49 -17.88 1.50
CA PRO B 52 30.39 -18.84 1.60
C PRO B 52 30.86 -20.19 2.10
N VAL B 53 30.05 -20.81 2.96
CA VAL B 53 30.39 -22.10 3.55
C VAL B 53 29.82 -23.20 2.67
N PRO B 54 30.55 -24.31 2.45
CA PRO B 54 30.04 -25.37 1.55
C PRO B 54 29.07 -26.30 2.29
N ALA B 55 27.79 -26.18 1.96
CA ALA B 55 26.75 -27.06 2.48
C ALA B 55 26.69 -27.06 4.01
N SER B 56 27.25 -26.04 4.65
CA SER B 56 27.24 -25.94 6.10
C SER B 56 26.07 -25.10 6.62
N GLU B 57 25.22 -24.59 5.74
CA GLU B 57 24.04 -23.82 6.14
C GLU B 57 22.99 -24.79 6.67
N ASN B 58 23.11 -25.13 7.94
CA ASN B 58 22.25 -26.14 8.55
C ASN B 58 20.77 -25.82 8.42
N PRO B 59 20.33 -24.53 8.65
CA PRO B 59 18.92 -24.09 8.52
C PRO B 59 18.55 -23.30 7.25
N PHE B 60 19.53 -22.75 6.51
CA PHE B 60 19.31 -21.78 5.43
C PHE B 60 20.08 -22.15 4.15
N GLU C 7 23.54 41.41 25.97
CA GLU C 7 24.11 40.09 26.38
C GLU C 7 23.88 39.05 25.31
N LEU C 8 22.77 39.18 24.57
CA LEU C 8 22.46 38.22 23.51
C LEU C 8 23.53 38.24 22.42
N ASP C 9 23.98 39.43 22.03
CA ASP C 9 25.02 39.54 21.01
C ASP C 9 26.31 38.88 21.48
N GLN C 10 26.69 39.10 22.74
CA GLN C 10 27.90 38.48 23.27
C GLN C 10 27.77 36.96 23.28
N LEU C 11 26.62 36.45 23.68
CA LEU C 11 26.41 35.00 23.68
C LEU C 11 26.49 34.44 22.26
N ARG C 12 25.89 35.12 21.29
CA ARG C 12 25.96 34.66 19.91
C ARG C 12 27.39 34.67 19.40
N GLN C 13 28.15 35.72 19.72
CA GLN C 13 29.55 35.78 19.31
C GLN C 13 30.36 34.65 19.94
N GLU C 14 30.12 34.38 21.23
CA GLU C 14 30.84 33.28 21.88
C GLU C 14 30.49 31.94 21.25
N ALA C 15 29.21 31.73 20.93
CA ALA C 15 28.81 30.48 20.29
C ALA C 15 29.45 30.34 18.92
N GLU C 16 29.49 31.43 18.15
CA GLU C 16 30.12 31.39 16.84
C GLU C 16 31.62 31.08 16.96
N GLN C 17 32.28 31.70 17.94
CA GLN C 17 33.70 31.44 18.15
C GLN C 17 33.94 29.99 18.53
N LEU C 18 33.10 29.44 19.41
CA LEU C 18 33.24 28.04 19.79
C LEU C 18 33.04 27.12 18.59
N LYS C 19 32.03 27.40 17.77
CA LYS C 19 31.79 26.58 16.58
C LYS C 19 32.97 26.67 15.62
N ASN C 20 33.52 27.87 15.43
CA ASN C 20 34.68 28.02 14.55
C ASN C 20 35.87 27.24 15.09
N GLN C 21 36.10 27.29 16.39
CA GLN C 21 37.21 26.55 16.99
C GLN C 21 37.01 25.05 16.81
N ILE C 22 35.78 24.56 17.00
CA ILE C 22 35.51 23.14 16.82
C ILE C 22 35.75 22.73 15.38
N ARG C 23 35.29 23.56 14.43
CA ARG C 23 35.50 23.25 13.02
C ARG C 23 36.99 23.24 12.68
N ASP C 24 37.74 24.20 13.20
CA ASP C 24 39.18 24.24 12.95
C ASP C 24 39.87 23.01 13.52
N ALA C 25 39.49 22.59 14.73
CA ALA C 25 40.07 21.38 15.31
C ALA C 25 39.74 20.15 14.48
N ARG C 26 38.49 20.04 14.02
CA ARG C 26 38.11 18.91 13.18
C ARG C 26 38.91 18.90 11.88
N LYS C 27 39.07 20.07 11.25
CA LYS C 27 39.86 20.14 10.02
C LYS C 27 41.32 19.77 10.26
N ALA C 28 41.90 20.25 11.37
CA ALA C 28 43.27 19.88 11.69
C ALA C 28 43.42 18.39 11.90
N CYS C 29 42.45 17.77 12.59
CA CYS C 29 42.49 16.33 12.80
C CYS C 29 42.38 15.55 11.49
N ALA C 30 41.90 16.19 10.42
CA ALA C 30 41.76 15.54 9.12
C ALA C 30 43.08 15.62 8.38
N ASP C 31 43.70 14.47 8.11
CA ASP C 31 44.95 14.40 7.38
C ASP C 31 44.89 13.48 6.18
N ALA C 32 44.16 12.37 6.24
CA ALA C 32 44.03 11.45 5.13
C ALA C 32 42.61 10.90 5.12
N THR C 33 41.98 10.88 3.95
CA THR C 33 40.62 10.39 3.84
C THR C 33 40.59 8.87 3.96
N LEU C 34 39.43 8.36 4.41
CA LEU C 34 39.28 6.91 4.54
C LEU C 34 39.39 6.22 3.18
N SER C 35 38.79 6.80 2.14
CA SER C 35 38.85 6.19 0.82
C SER C 35 40.28 6.10 0.33
N GLN C 36 41.07 7.15 0.52
CA GLN C 36 42.47 7.11 0.10
C GLN C 36 43.24 6.05 0.87
N ILE C 37 43.01 5.95 2.18
CA ILE C 37 43.68 4.94 2.98
C ILE C 37 43.24 3.54 2.60
N THR C 38 41.96 3.36 2.25
CA THR C 38 41.41 2.05 1.90
C THR C 38 41.38 1.82 0.40
N ASN C 39 42.14 2.60 -0.36
CA ASN C 39 42.17 2.41 -1.81
C ASN C 39 42.97 1.17 -2.23
N ASN C 40 43.69 0.54 -1.30
CA ASN C 40 44.50 -0.62 -1.62
C ASN C 40 43.81 -1.95 -1.35
N ILE C 41 42.83 -1.98 -0.46
CA ILE C 41 42.12 -3.21 -0.13
C ILE C 41 41.14 -3.53 -1.26
N ASP C 42 41.05 -4.81 -1.60
CA ASP C 42 40.19 -5.23 -2.69
C ASP C 42 38.72 -5.03 -2.31
N PRO C 43 37.86 -4.74 -3.29
CA PRO C 43 36.44 -4.55 -2.98
C PRO C 43 35.77 -5.86 -2.61
N VAL C 44 34.60 -5.80 -1.94
CA VAL C 44 33.83 -7.01 -1.56
C VAL C 44 33.20 -7.74 -2.75
N GLY C 45 33.11 -7.11 -3.92
CA GLY C 45 32.42 -7.65 -5.08
C GLY C 45 30.89 -7.61 -4.95
N ARG C 46 30.16 -8.16 -5.92
CA ARG C 46 28.70 -8.15 -5.93
C ARG C 46 28.13 -9.16 -4.92
N ILE C 47 27.55 -8.69 -3.82
CA ILE C 47 26.77 -9.51 -2.89
C ILE C 47 25.44 -9.88 -3.56
N GLN C 48 25.18 -11.17 -3.67
CA GLN C 48 23.90 -11.72 -4.08
C GLN C 48 23.23 -12.40 -2.89
N MET C 49 22.01 -11.99 -2.56
CA MET C 49 21.21 -12.58 -1.48
C MET C 49 19.92 -13.14 -2.03
N ARG C 50 19.39 -14.17 -1.38
CA ARG C 50 18.14 -14.81 -1.79
C ARG C 50 17.19 -14.87 -0.60
N THR C 51 15.90 -14.80 -0.89
CA THR C 51 14.85 -14.84 0.12
C THR C 51 14.69 -16.26 0.61
N ARG C 52 15.45 -16.66 1.63
CA ARG C 52 15.36 -18.01 2.18
C ARG C 52 13.98 -18.27 2.77
N ARG C 53 13.39 -17.30 3.46
CA ARG C 53 12.04 -17.39 4.03
C ARG C 53 11.23 -16.14 3.67
N THR C 54 9.91 -16.29 3.61
CA THR C 54 8.96 -15.17 3.63
C THR C 54 7.93 -15.39 4.73
N LEU C 55 7.74 -14.38 5.60
CA LEU C 55 6.84 -14.40 6.74
C LEU C 55 5.58 -13.63 6.37
N ARG C 56 4.43 -14.30 6.40
CA ARG C 56 3.14 -13.79 5.94
C ARG C 56 2.10 -13.92 7.05
N GLY C 57 1.32 -12.88 7.30
CA GLY C 57 0.30 -12.86 8.35
C GLY C 57 -0.04 -11.49 8.93
N HIS C 58 0.85 -10.50 8.84
CA HIS C 58 0.50 -9.11 9.17
C HIS C 58 -0.58 -8.59 8.21
N LEU C 59 -1.57 -7.88 8.73
CA LEU C 59 -2.73 -7.42 7.95
C LEU C 59 -2.46 -6.12 7.18
N ALA C 60 -1.37 -5.42 7.52
CA ALA C 60 -1.10 -4.04 7.13
C ALA C 60 0.39 -3.74 7.06
N LYS C 61 0.74 -2.47 6.87
CA LYS C 61 2.11 -1.97 6.72
C LYS C 61 2.96 -2.33 7.93
N ILE C 62 3.99 -3.14 7.73
CA ILE C 62 4.99 -3.41 8.77
C ILE C 62 5.83 -2.16 8.92
N TYR C 63 6.09 -1.73 10.15
CA TYR C 63 6.69 -0.43 10.44
C TYR C 63 7.99 -0.52 11.24
N ALA C 64 8.15 -1.57 12.04
CA ALA C 64 9.38 -1.89 12.76
C ALA C 64 9.51 -3.40 12.93
N MET C 65 10.73 -3.89 13.07
CA MET C 65 11.02 -5.26 13.48
C MET C 65 12.31 -5.30 14.26
N HIS C 66 12.50 -6.33 15.08
CA HIS C 66 13.71 -6.55 15.86
C HIS C 66 14.01 -8.03 16.04
N TRP C 67 15.28 -8.41 16.06
CA TRP C 67 15.71 -9.76 16.36
C TRP C 67 15.84 -10.01 17.87
N GLY C 68 15.43 -11.19 18.32
CA GLY C 68 15.88 -11.76 19.59
C GLY C 68 17.36 -12.13 19.56
N THR C 69 18.00 -12.17 20.73
CA THR C 69 19.46 -12.37 20.86
C THR C 69 19.91 -13.78 20.47
N ASP C 70 18.98 -14.73 20.44
CA ASP C 70 19.19 -16.10 19.97
C ASP C 70 19.40 -16.21 18.45
N SER C 71 19.31 -15.11 17.69
CA SER C 71 19.35 -15.08 16.23
C SER C 71 18.27 -15.93 15.56
N ARG C 72 17.15 -16.20 16.22
CA ARG C 72 16.12 -17.11 15.74
C ARG C 72 14.70 -16.61 16.00
N LEU C 73 14.39 -16.07 17.17
CA LEU C 73 13.13 -15.37 17.38
C LEU C 73 13.21 -13.95 16.84
N LEU C 74 12.10 -13.47 16.30
CA LEU C 74 11.99 -12.18 15.62
C LEU C 74 10.67 -11.53 16.04
N VAL C 75 10.65 -10.25 16.40
CA VAL C 75 9.41 -9.50 16.66
C VAL C 75 9.21 -8.49 15.55
N SER C 76 7.96 -8.22 15.18
CA SER C 76 7.63 -7.22 14.18
C SER C 76 6.31 -6.55 14.49
N ALA C 77 6.20 -5.26 14.19
CA ALA C 77 5.05 -4.42 14.45
C ALA C 77 4.48 -3.87 13.15
N SER C 78 3.17 -3.68 13.12
CA SER C 78 2.44 -3.29 11.93
C SER C 78 1.29 -2.33 12.27
N GLN C 79 0.91 -1.46 11.34
CA GLN C 79 -0.13 -0.44 11.58
C GLN C 79 -1.54 -1.00 11.76
N ASP C 80 -1.74 -2.32 11.66
CA ASP C 80 -2.95 -3.00 12.14
C ASP C 80 -2.98 -3.14 13.67
N GLY C 81 -1.86 -2.93 14.35
CA GLY C 81 -1.71 -3.09 15.78
C GLY C 81 -1.39 -4.53 16.20
N LYS C 82 -0.76 -5.34 15.35
CA LYS C 82 -0.22 -6.66 15.74
C LYS C 82 1.28 -6.58 15.97
N LEU C 83 1.73 -7.20 17.04
CA LEU C 83 3.13 -7.36 17.40
C LEU C 83 3.48 -8.86 17.38
N ILE C 84 3.67 -9.42 16.18
CA ILE C 84 3.90 -10.86 15.98
C ILE C 84 5.34 -11.22 16.33
N ILE C 85 5.50 -12.34 17.03
CA ILE C 85 6.78 -13.00 17.24
C ILE C 85 6.84 -14.24 16.35
N TRP C 86 7.92 -14.38 15.59
CA TRP C 86 8.15 -15.45 14.64
C TRP C 86 9.37 -16.26 15.08
N ASP C 87 9.27 -17.57 14.97
CA ASP C 87 10.45 -18.42 14.82
C ASP C 87 10.90 -18.30 13.38
N SER C 88 12.06 -17.71 13.17
CA SER C 88 12.64 -17.49 11.84
C SER C 88 12.91 -18.79 11.12
N TYR C 89 13.57 -19.75 11.78
CA TYR C 89 14.01 -21.00 11.18
C TYR C 89 12.84 -21.82 10.65
N THR C 90 11.85 -22.11 11.50
CA THR C 90 10.65 -22.84 11.09
C THR C 90 9.65 -21.96 10.33
N THR C 91 9.75 -20.64 10.42
CA THR C 91 8.82 -19.67 9.82
C THR C 91 7.38 -19.90 10.32
N ASN C 92 7.18 -19.83 11.64
CA ASN C 92 5.86 -19.88 12.25
C ASN C 92 5.75 -19.00 13.51
N LYS C 93 4.50 -18.67 13.86
CA LYS C 93 4.15 -17.53 14.74
C LYS C 93 4.09 -17.99 16.20
N VAL C 94 5.08 -17.62 17.00
CA VAL C 94 5.20 -18.02 18.41
C VAL C 94 4.20 -17.27 19.28
N HIS C 95 3.97 -15.98 19.00
CA HIS C 95 3.00 -15.11 19.65
C HIS C 95 2.44 -14.11 18.65
N ALA C 96 1.26 -13.57 18.89
CA ALA C 96 0.62 -12.56 18.06
C ALA C 96 -0.02 -11.49 18.95
N ILE C 97 0.81 -10.69 19.61
CA ILE C 97 0.42 -9.78 20.69
C ILE C 97 -0.45 -8.64 20.14
N PRO C 98 -1.72 -8.49 20.55
CA PRO C 98 -2.59 -7.42 20.08
C PRO C 98 -2.29 -6.13 20.85
N LEU C 99 -1.93 -5.06 20.13
CA LEU C 99 -1.58 -3.78 20.72
C LEU C 99 -2.83 -2.94 21.05
N ARG C 100 -2.71 -2.15 22.12
CA ARG C 100 -3.74 -1.19 22.54
C ARG C 100 -3.81 0.03 21.62
N SER C 101 -2.73 0.32 20.89
CA SER C 101 -2.59 1.40 19.89
C SER C 101 -2.30 0.84 18.50
N SER C 102 -3.09 1.21 17.49
CA SER C 102 -2.86 0.77 16.12
C SER C 102 -1.59 1.35 15.49
N TRP C 103 -1.17 2.54 15.92
CA TRP C 103 -0.23 3.40 15.21
C TRP C 103 1.23 3.20 15.65
N VAL C 104 1.62 1.94 15.79
CA VAL C 104 2.90 1.50 16.34
C VAL C 104 4.07 1.81 15.40
N MET C 105 4.90 2.77 15.76
CA MET C 105 6.05 3.19 14.99
C MET C 105 7.34 2.45 15.36
N THR C 106 7.37 1.75 16.49
CA THR C 106 8.57 1.08 16.98
C THR C 106 8.24 -0.17 17.77
N CYS C 107 9.17 -1.12 17.80
CA CYS C 107 9.20 -2.22 18.75
C CYS C 107 10.63 -2.64 19.06
N ALA C 108 10.81 -3.37 20.15
CA ALA C 108 12.09 -3.84 20.64
C ALA C 108 11.96 -5.20 21.30
N TYR C 109 13.01 -6.01 21.20
CA TYR C 109 13.18 -7.29 21.85
C TYR C 109 14.15 -7.10 23.01
N ALA C 110 13.81 -7.60 24.19
CA ALA C 110 14.72 -7.59 25.32
C ALA C 110 15.90 -8.52 25.04
N PRO C 111 17.10 -8.15 25.48
CA PRO C 111 18.26 -9.06 25.27
C PRO C 111 18.04 -10.44 25.86
N SER C 112 17.38 -10.52 27.02
CA SER C 112 17.09 -11.81 27.63
C SER C 112 15.88 -12.50 27.03
N GLY C 113 15.11 -11.82 26.18
CA GLY C 113 13.92 -12.38 25.56
C GLY C 113 12.73 -12.52 26.51
N ASN C 114 12.77 -11.91 27.69
CA ASN C 114 11.63 -11.97 28.60
C ASN C 114 10.56 -10.96 28.23
N TYR C 115 10.95 -9.80 27.72
CA TYR C 115 10.03 -8.70 27.48
C TYR C 115 10.22 -8.13 26.08
N VAL C 116 9.14 -7.62 25.49
CA VAL C 116 9.15 -6.81 24.26
C VAL C 116 8.49 -5.46 24.56
N ALA C 117 9.00 -4.39 23.96
CA ALA C 117 8.43 -3.06 24.03
C ALA C 117 7.86 -2.67 22.68
N CYS C 118 6.89 -1.77 22.65
CA CYS C 118 6.49 -1.10 21.41
C CYS C 118 5.79 0.22 21.70
N GLY C 119 5.69 1.08 20.70
CA GLY C 119 5.00 2.35 20.90
C GLY C 119 4.85 3.06 19.58
N GLY C 120 4.22 4.23 19.59
CA GLY C 120 4.05 5.06 18.40
C GLY C 120 3.32 6.36 18.68
N LEU C 121 2.27 6.65 17.91
CA LEU C 121 1.52 7.90 18.01
C LEU C 121 0.73 8.04 19.32
N ASP C 122 0.62 7.00 20.14
CA ASP C 122 -0.06 7.07 21.42
C ASP C 122 0.79 7.70 22.51
N ASN C 123 2.08 7.94 22.24
CA ASN C 123 3.11 8.48 23.13
C ASN C 123 3.43 7.56 24.33
N ILE C 124 2.89 6.32 24.35
CA ILE C 124 3.03 5.37 25.46
C ILE C 124 3.93 4.24 25.00
N CYS C 125 4.95 3.94 25.80
CA CYS C 125 5.83 2.80 25.55
C CYS C 125 5.39 1.64 26.43
N SER C 126 4.68 0.68 25.83
CA SER C 126 4.14 -0.45 26.55
C SER C 126 5.18 -1.56 26.64
N ILE C 127 5.22 -2.24 27.79
CA ILE C 127 6.13 -3.35 28.04
C ILE C 127 5.31 -4.62 28.15
N TYR C 128 5.57 -5.61 27.32
CA TYR C 128 4.88 -6.89 27.28
C TYR C 128 5.83 -7.97 27.80
N ASN C 129 5.37 -8.80 28.72
CA ASN C 129 6.15 -9.87 29.32
C ASN C 129 5.78 -11.20 28.67
N LEU C 130 6.75 -11.88 28.06
CA LEU C 130 6.57 -13.14 27.34
C LEU C 130 6.62 -14.36 28.26
N LYS C 131 7.37 -14.26 29.37
CA LYS C 131 7.57 -15.31 30.36
C LYS C 131 6.64 -15.08 31.56
N THR C 132 5.46 -15.70 31.53
CA THR C 132 4.41 -15.53 32.52
C THR C 132 3.83 -16.89 32.88
N ARG C 133 3.27 -16.98 34.09
CA ARG C 133 2.63 -18.22 34.51
C ARG C 133 1.46 -18.58 33.61
N GLU C 134 0.66 -17.59 33.24
CA GLU C 134 -0.46 -17.81 32.34
C GLU C 134 0.03 -17.88 30.90
N GLY C 135 -0.78 -18.50 30.03
CA GLY C 135 -0.43 -18.75 28.62
C GLY C 135 -0.63 -17.56 27.67
N ASN C 136 -1.29 -16.49 28.13
CA ASN C 136 -1.53 -15.26 27.38
C ASN C 136 -0.61 -14.13 27.87
N VAL C 137 0.03 -13.42 26.93
CA VAL C 137 0.94 -12.28 27.18
C VAL C 137 0.17 -11.08 27.78
N ARG C 138 0.76 -10.34 28.74
CA ARG C 138 0.13 -9.20 29.40
C ARG C 138 1.13 -8.05 29.47
N VAL C 139 0.58 -6.84 29.58
CA VAL C 139 1.39 -5.63 29.63
C VAL C 139 2.01 -5.54 31.03
N SER C 140 3.31 -5.77 31.13
CA SER C 140 3.98 -5.70 32.42
C SER C 140 3.98 -4.27 32.95
N ARG C 141 4.23 -3.29 32.10
CA ARG C 141 4.31 -1.90 32.53
C ARG C 141 4.05 -1.00 31.33
N GLU C 142 3.33 0.09 31.57
CA GLU C 142 3.08 1.12 30.57
C GLU C 142 3.80 2.39 31.00
N LEU C 143 4.64 2.93 30.12
CA LEU C 143 5.44 4.12 30.41
C LEU C 143 4.79 5.33 29.76
N ALA C 144 4.58 6.38 30.56
CA ALA C 144 3.98 7.62 30.07
C ALA C 144 4.79 8.80 30.59
N GLY C 145 4.77 9.88 29.81
CA GLY C 145 5.51 11.07 30.17
C GLY C 145 6.09 11.77 28.96
N HIS C 146 6.27 11.04 27.86
CA HIS C 146 6.76 11.63 26.63
C HIS C 146 5.66 12.45 25.97
N THR C 147 6.05 13.56 25.34
CA THR C 147 5.14 14.43 24.59
C THR C 147 5.39 14.22 23.09
N GLY C 148 4.35 14.09 22.31
CA GLY C 148 4.51 13.63 20.94
C GLY C 148 4.96 12.16 20.84
N TYR C 149 4.92 11.65 19.61
CA TYR C 149 5.03 10.23 19.31
C TYR C 149 6.31 9.62 19.84
N LEU C 150 6.24 8.34 20.20
CA LEU C 150 7.41 7.53 20.49
C LEU C 150 7.97 7.00 19.17
N SER C 151 9.21 7.36 18.83
CA SER C 151 9.78 7.07 17.52
C SER C 151 10.67 5.83 17.47
N CYS C 152 11.41 5.53 18.54
CA CYS C 152 12.27 4.36 18.70
C CYS C 152 12.41 4.03 20.18
N CYS C 153 12.63 2.76 20.53
CA CYS C 153 12.83 2.30 21.89
C CYS C 153 13.77 1.10 21.93
N ARG C 154 14.57 0.92 22.98
CA ARG C 154 15.57 -0.15 23.11
C ARG C 154 15.83 -0.46 24.58
N PHE C 155 15.72 -1.72 24.98
CA PHE C 155 16.06 -2.16 26.33
C PHE C 155 17.58 -2.14 26.51
N LEU C 156 18.06 -1.61 27.63
CA LEU C 156 19.45 -1.79 28.09
C LEU C 156 19.59 -3.10 28.89
N ASP C 157 18.59 -3.43 29.70
CA ASP C 157 18.49 -4.68 30.44
C ASP C 157 17.02 -4.97 30.68
N ASP C 158 16.74 -5.91 31.58
CA ASP C 158 15.35 -6.25 31.89
C ASP C 158 14.63 -5.17 32.68
N ASN C 159 15.34 -4.15 33.15
CA ASN C 159 14.74 -3.10 33.98
C ASN C 159 14.92 -1.69 33.43
N GLN C 160 15.85 -1.48 32.50
CA GLN C 160 16.12 -0.16 31.93
C GLN C 160 15.81 -0.17 30.45
N ILE C 161 15.06 0.83 30.01
CA ILE C 161 14.69 0.97 28.60
C ILE C 161 14.84 2.43 28.21
N VAL C 162 15.48 2.71 27.07
CA VAL C 162 15.68 4.07 26.57
C VAL C 162 14.81 4.30 25.34
N THR C 163 14.33 5.52 25.17
CA THR C 163 13.32 5.89 24.17
C THR C 163 13.63 7.24 23.54
N SER C 164 13.04 7.50 22.37
CA SER C 164 13.10 8.79 21.68
C SER C 164 11.74 9.17 21.10
N SER C 165 11.54 10.45 20.80
CA SER C 165 10.20 10.97 20.60
C SER C 165 10.09 12.28 19.82
N GLY C 166 8.84 12.62 19.50
CA GLY C 166 8.40 13.88 18.91
C GLY C 166 8.70 15.13 19.76
N ASP C 167 8.68 15.06 21.08
CA ASP C 167 9.11 16.15 21.98
C ASP C 167 10.60 16.55 21.84
N THR C 168 11.34 16.01 20.87
CA THR C 168 12.77 16.20 20.65
C THR C 168 13.65 15.59 21.75
N THR C 169 13.08 14.96 22.77
CA THR C 169 13.86 14.31 23.83
C THR C 169 14.22 12.87 23.49
N CYS C 170 15.20 12.35 24.22
CA CYS C 170 15.33 10.93 24.52
C CYS C 170 15.20 10.78 26.05
N ALA C 171 14.75 9.65 26.57
CA ALA C 171 14.64 9.43 28.01
C ALA C 171 14.96 8.00 28.40
N LEU C 172 15.59 7.82 29.56
CA LEU C 172 15.85 6.53 30.17
C LEU C 172 14.75 6.26 31.19
N TRP C 173 14.08 5.13 31.11
CA TRP C 173 12.98 4.71 31.96
C TRP C 173 13.37 3.50 32.79
N ASP C 174 13.00 3.52 34.07
CA ASP C 174 13.13 2.37 34.96
C ASP C 174 11.82 1.60 34.89
N ILE C 175 11.87 0.38 34.34
CA ILE C 175 10.64 -0.36 34.06
C ILE C 175 9.88 -0.64 35.35
N GLU C 176 10.58 -1.08 36.39
CA GLU C 176 9.90 -1.47 37.62
C GLU C 176 9.16 -0.30 38.25
N THR C 177 9.87 0.82 38.45
CA THR C 177 9.25 2.00 39.05
C THR C 177 8.38 2.76 38.06
N GLY C 178 8.77 2.77 36.78
CA GLY C 178 8.03 3.50 35.78
C GLY C 178 8.32 4.99 35.73
N GLN C 179 9.38 5.44 36.39
CA GLN C 179 9.75 6.85 36.43
C GLN C 179 11.03 7.06 35.63
N GLN C 180 11.08 8.15 34.87
CA GLN C 180 12.26 8.46 34.09
C GLN C 180 13.47 8.62 35.01
N THR C 181 14.57 7.97 34.63
CA THR C 181 15.81 8.07 35.39
C THR C 181 16.66 9.26 34.94
N THR C 182 16.68 9.54 33.63
CA THR C 182 17.33 10.71 33.04
C THR C 182 16.60 11.11 31.76
N THR C 183 16.59 12.40 31.44
CA THR C 183 16.01 12.93 30.21
C THR C 183 17.08 13.68 29.44
N PHE C 184 17.24 13.37 28.16
CA PHE C 184 18.30 13.85 27.29
C PHE C 184 17.68 14.79 26.26
N THR C 185 18.08 16.07 26.27
CA THR C 185 17.48 17.11 25.41
C THR C 185 18.55 18.02 24.82
N GLY C 186 18.34 18.47 23.59
CA GLY C 186 19.27 19.32 22.84
C GLY C 186 18.98 19.35 21.34
N HIS C 187 18.35 18.30 20.80
CA HIS C 187 17.76 18.34 19.45
C HIS C 187 16.68 19.42 19.37
N THR C 188 16.65 20.15 18.26
CA THR C 188 15.59 21.11 17.88
C THR C 188 14.47 20.41 17.11
N GLY C 189 14.80 19.37 16.33
CA GLY C 189 13.84 18.56 15.57
C GLY C 189 13.34 17.33 16.32
N ASP C 190 12.26 16.71 15.86
CA ASP C 190 11.79 15.44 16.41
C ASP C 190 12.86 14.36 16.26
N VAL C 191 13.08 13.54 17.29
CA VAL C 191 14.09 12.48 17.23
C VAL C 191 13.46 11.25 16.60
N MET C 192 14.08 10.66 15.59
CA MET C 192 13.48 9.56 14.83
C MET C 192 13.98 8.17 15.19
N SER C 193 15.23 8.04 15.65
CA SER C 193 15.83 6.72 15.91
C SER C 193 16.95 6.75 16.94
N LEU C 194 17.26 5.56 17.46
CA LEU C 194 18.28 5.27 18.47
C LEU C 194 19.19 4.11 18.04
N SER C 195 20.39 4.06 18.58
CA SER C 195 21.11 2.80 18.79
C SER C 195 22.02 2.89 19.99
N LEU C 196 22.18 1.78 20.70
CA LEU C 196 22.91 1.68 21.95
C LEU C 196 24.27 1.10 21.63
N ALA C 197 25.34 1.74 22.09
CA ALA C 197 26.69 1.21 21.92
C ALA C 197 26.78 -0.20 22.54
N PRO C 198 27.65 -1.09 22.04
CA PRO C 198 27.66 -2.50 22.46
C PRO C 198 27.99 -2.70 23.94
N ASP C 199 28.73 -1.77 24.56
CA ASP C 199 29.00 -1.74 26.00
C ASP C 199 27.82 -1.26 26.81
N THR C 200 26.70 -0.89 26.17
CA THR C 200 25.45 -0.36 26.76
C THR C 200 25.69 0.86 27.66
N ARG C 201 26.69 1.66 27.31
CA ARG C 201 27.05 2.86 28.05
C ARG C 201 26.69 4.16 27.34
N LEU C 202 26.54 4.18 26.02
CA LEU C 202 26.15 5.37 25.29
C LEU C 202 25.00 5.04 24.34
N PHE C 203 24.23 6.03 23.93
CA PHE C 203 23.39 5.90 22.75
C PHE C 203 23.53 7.13 21.86
N VAL C 204 23.23 6.92 20.59
CA VAL C 204 23.23 7.95 19.55
C VAL C 204 21.82 8.11 19.02
N SER C 205 21.40 9.34 18.73
CA SER C 205 20.10 9.61 18.15
C SER C 205 20.15 10.69 17.08
N GLY C 206 19.37 10.51 16.03
CA GLY C 206 19.26 11.41 14.88
C GLY C 206 17.87 12.03 14.79
N ALA C 207 17.81 13.29 14.35
CA ALA C 207 16.60 14.09 14.43
C ALA C 207 16.30 14.90 13.17
N CYS C 208 15.09 15.44 13.12
CA CYS C 208 14.56 16.16 11.96
C CYS C 208 15.32 17.45 11.63
N ASP C 209 16.04 18.04 12.58
CA ASP C 209 16.94 19.17 12.38
C ASP C 209 18.26 18.80 11.66
N ALA C 210 18.33 17.59 11.10
CA ALA C 210 19.48 17.00 10.43
C ALA C 210 20.69 16.69 11.33
N SER C 211 20.57 16.86 12.64
CA SER C 211 21.66 16.59 13.57
C SER C 211 21.61 15.18 14.15
N ALA C 212 22.79 14.69 14.52
CA ALA C 212 22.98 13.53 15.38
C ALA C 212 23.72 13.97 16.64
N LYS C 213 23.42 13.35 17.78
CA LYS C 213 24.05 13.66 19.08
C LYS C 213 24.44 12.38 19.80
N LEU C 214 25.58 12.38 20.49
CA LEU C 214 25.99 11.25 21.33
C LEU C 214 25.70 11.59 22.79
N TRP C 215 25.19 10.62 23.53
CA TRP C 215 24.70 10.77 24.90
C TRP C 215 25.37 9.80 25.88
N ASP C 216 25.91 10.32 26.98
CA ASP C 216 26.53 9.52 28.03
C ASP C 216 25.47 9.07 29.05
N VAL C 217 25.07 7.79 29.09
CA VAL C 217 23.86 7.36 29.84
C VAL C 217 24.01 7.48 31.36
N ARG C 218 25.18 7.16 31.92
CA ARG C 218 25.46 7.37 33.34
C ARG C 218 25.64 8.83 33.70
N GLU C 219 25.74 9.78 32.75
CA GLU C 219 25.93 11.22 33.03
C GLU C 219 24.71 12.09 32.67
N GLY C 220 23.91 11.70 31.67
CA GLY C 220 22.75 12.46 31.18
C GLY C 220 23.07 13.64 30.26
N MET C 221 24.29 13.71 29.71
CA MET C 221 24.81 14.85 28.94
C MET C 221 25.28 14.46 27.54
N CYS C 222 25.23 15.40 26.60
CA CYS C 222 25.72 15.21 25.24
C CYS C 222 27.26 15.38 25.14
N ARG C 223 27.94 14.44 24.48
CA ARG C 223 29.38 14.43 24.31
C ARG C 223 29.81 15.06 22.98
N GLN C 224 29.15 14.69 21.88
CA GLN C 224 29.49 15.18 20.56
C GLN C 224 28.21 15.45 19.77
N THR C 225 28.32 16.35 18.81
CA THR C 225 27.20 16.70 17.92
C THR C 225 27.70 16.71 16.49
N PHE C 226 26.84 16.26 15.57
CA PHE C 226 27.16 16.21 14.16
C PHE C 226 25.99 16.79 13.37
N THR C 227 26.31 17.55 12.32
CA THR C 227 25.32 18.18 11.46
C THR C 227 25.68 18.03 10.00
N GLY C 228 26.17 16.84 9.63
CA GLY C 228 26.57 16.61 8.25
C GLY C 228 25.41 16.62 7.27
N HIS C 229 24.28 16.02 7.66
CA HIS C 229 23.14 15.92 6.76
C HIS C 229 22.49 17.28 6.55
N GLU C 230 21.80 17.42 5.42
CA GLU C 230 21.08 18.65 5.08
C GLU C 230 19.57 18.46 5.17
N SER C 231 19.10 17.34 5.71
CA SER C 231 17.67 17.07 5.81
C SER C 231 17.42 16.22 7.04
N ASP C 232 16.16 15.93 7.34
CA ASP C 232 15.75 15.11 8.47
C ASP C 232 16.33 13.69 8.41
N ILE C 233 16.96 13.26 9.52
CA ILE C 233 17.49 11.91 9.71
C ILE C 233 16.37 11.00 10.20
N ASN C 234 16.06 9.94 9.46
CA ASN C 234 15.14 8.88 9.87
C ASN C 234 15.87 7.80 10.68
N ALA C 235 16.96 7.27 10.14
CA ALA C 235 17.60 6.06 10.62
C ALA C 235 18.98 6.34 11.23
N ILE C 236 19.37 5.52 12.21
CA ILE C 236 20.67 5.56 12.88
C ILE C 236 21.02 4.13 13.29
N CYS C 237 22.29 3.74 13.24
CA CYS C 237 22.73 2.49 13.87
C CYS C 237 24.19 2.58 14.32
N PHE C 238 24.59 1.79 15.31
CA PHE C 238 25.97 1.72 15.77
C PHE C 238 26.79 0.70 14.98
N PHE C 239 28.04 1.07 14.69
CA PHE C 239 29.03 0.15 14.13
C PHE C 239 29.37 -0.92 15.17
N PRO C 240 29.67 -2.15 14.73
CA PRO C 240 29.95 -3.21 15.73
C PRO C 240 31.06 -2.84 16.69
N ASN C 241 32.10 -2.16 16.21
CA ASN C 241 33.17 -1.74 17.11
C ASN C 241 32.66 -0.75 18.16
N GLY C 242 31.59 -0.03 17.86
CA GLY C 242 31.01 0.92 18.79
C GLY C 242 31.62 2.30 18.75
N ASN C 243 32.66 2.53 17.94
CA ASN C 243 33.31 3.82 17.84
C ASN C 243 32.81 4.64 16.66
N ALA C 244 31.81 4.14 15.93
CA ALA C 244 31.28 4.85 14.77
C ALA C 244 29.81 4.50 14.59
N PHE C 245 29.08 5.34 13.89
CA PHE C 245 27.67 5.15 13.60
C PHE C 245 27.37 5.68 12.20
N ALA C 246 26.29 5.17 11.62
CA ALA C 246 25.83 5.57 10.29
C ALA C 246 24.41 6.08 10.39
N THR C 247 24.12 7.16 9.67
CA THR C 247 22.82 7.82 9.70
C THR C 247 22.12 7.70 8.35
N GLY C 248 20.80 7.75 8.30
CA GLY C 248 20.02 7.70 7.07
C GLY C 248 18.96 8.79 7.03
N SER C 249 19.02 9.65 6.03
CA SER C 249 18.18 10.84 5.86
C SER C 249 17.48 10.78 4.52
N ASP C 250 16.44 11.61 4.34
CA ASP C 250 15.75 11.83 3.07
C ASP C 250 16.64 12.39 1.95
N ASP C 251 17.88 12.81 2.20
CA ASP C 251 18.78 13.32 1.17
C ASP C 251 19.42 12.21 0.33
N ALA C 252 18.99 10.96 0.51
CA ALA C 252 19.52 9.84 -0.27
C ALA C 252 21.02 9.67 -0.08
N THR C 253 21.50 9.93 1.14
CA THR C 253 22.91 9.80 1.46
C THR C 253 23.08 9.22 2.85
N CYS C 254 24.14 8.44 3.03
CA CYS C 254 24.52 7.89 4.33
C CYS C 254 25.93 8.35 4.66
N ARG C 255 26.12 8.78 5.91
CA ARG C 255 27.40 9.30 6.37
C ARG C 255 27.86 8.51 7.58
N LEU C 256 29.12 8.10 7.58
CA LEU C 256 29.73 7.38 8.69
C LEU C 256 30.57 8.36 9.50
N PHE C 257 30.26 8.45 10.79
CA PHE C 257 30.95 9.38 11.69
C PHE C 257 31.72 8.59 12.73
N ASP C 258 32.97 8.98 12.97
CA ASP C 258 33.81 8.36 13.98
C ASP C 258 33.78 9.23 15.23
N LEU C 259 33.39 8.62 16.35
CA LEU C 259 33.29 9.39 17.59
C LEU C 259 34.64 9.95 18.01
N ARG C 260 35.70 9.15 17.90
CA ARG C 260 37.03 9.63 18.25
C ARG C 260 37.45 10.78 17.34
N ALA C 261 37.20 10.65 16.03
CA ALA C 261 37.54 11.71 15.10
C ALA C 261 36.58 12.89 15.22
N ASP C 262 35.34 12.64 15.64
CA ASP C 262 34.34 13.69 15.79
C ASP C 262 34.11 14.43 14.46
N GLN C 263 34.16 13.68 13.36
CA GLN C 263 33.93 14.25 12.04
C GLN C 263 33.56 13.13 11.09
N GLU C 264 32.98 13.53 9.95
CA GLU C 264 32.59 12.56 8.94
C GLU C 264 33.83 11.91 8.31
N LEU C 265 33.71 10.63 7.99
CA LEU C 265 34.78 9.86 7.36
C LEU C 265 34.49 9.49 5.92
N MET C 266 33.27 9.04 5.61
CA MET C 266 32.91 8.65 4.26
C MET C 266 31.42 8.85 4.07
N THR C 267 31.03 9.07 2.81
CA THR C 267 29.64 9.27 2.43
C THR C 267 29.25 8.23 1.39
N TYR C 268 28.03 7.69 1.54
CA TYR C 268 27.51 6.67 0.63
C TYR C 268 26.30 7.24 -0.08
N SER C 269 26.43 7.46 -1.39
CA SER C 269 25.33 7.99 -2.19
C SER C 269 25.60 7.68 -3.66
N HIS C 270 24.50 7.54 -4.42
CA HIS C 270 24.57 7.27 -5.84
C HIS C 270 23.70 8.27 -6.58
N ASP C 271 24.15 8.67 -7.77
CA ASP C 271 23.41 9.63 -8.58
C ASP C 271 22.06 9.08 -9.04
N ASN C 272 21.89 7.76 -9.04
CA ASN C 272 20.65 7.14 -9.49
C ASN C 272 19.61 7.05 -8.38
N ILE C 273 19.93 7.48 -7.17
CA ILE C 273 19.02 7.43 -6.03
C ILE C 273 18.49 8.83 -5.79
N ILE C 274 17.17 8.99 -5.90
CA ILE C 274 16.52 10.28 -5.68
C ILE C 274 15.41 10.11 -4.66
N CYS C 275 15.58 9.16 -3.73
CA CYS C 275 14.58 8.87 -2.72
C CYS C 275 15.26 8.77 -1.36
N GLY C 276 14.46 8.91 -0.31
CA GLY C 276 14.94 8.87 1.07
C GLY C 276 15.21 7.48 1.59
N ILE C 277 15.80 7.44 2.78
CA ILE C 277 16.26 6.22 3.42
C ILE C 277 15.45 6.02 4.70
N THR C 278 14.87 4.84 4.85
CA THR C 278 13.94 4.50 5.94
C THR C 278 14.65 3.90 7.16
N SER C 279 15.70 3.11 6.92
CA SER C 279 16.29 2.17 7.87
C SER C 279 17.72 1.86 7.47
N VAL C 280 18.62 1.57 8.42
CA VAL C 280 20.02 1.23 8.16
C VAL C 280 20.51 0.22 9.21
N SER C 281 21.36 -0.75 8.85
CA SER C 281 22.12 -1.55 9.81
C SER C 281 23.41 -2.11 9.21
N PHE C 282 24.40 -2.40 10.05
CA PHE C 282 25.61 -3.12 9.64
C PHE C 282 25.44 -4.63 9.74
N SER C 283 26.20 -5.38 8.97
CA SER C 283 26.47 -6.81 9.24
C SER C 283 27.55 -6.99 10.31
N LYS C 284 27.74 -8.21 10.82
CA LYS C 284 28.55 -8.50 12.02
C LYS C 284 30.01 -8.02 11.95
N SER C 285 30.66 -8.15 10.80
CA SER C 285 32.01 -7.66 10.56
C SER C 285 32.07 -6.15 10.35
N GLY C 286 30.94 -5.54 9.98
CA GLY C 286 30.89 -4.12 9.74
C GLY C 286 31.34 -3.70 8.35
N ARG C 287 31.80 -4.64 7.51
CA ARG C 287 32.21 -4.29 6.16
C ARG C 287 31.03 -4.03 5.25
N LEU C 288 29.91 -4.70 5.50
CA LEU C 288 28.73 -4.67 4.65
C LEU C 288 27.60 -3.85 5.32
N LEU C 289 27.15 -2.77 4.68
CA LEU C 289 26.09 -1.92 5.21
C LEU C 289 24.84 -2.09 4.36
N LEU C 290 23.70 -2.18 5.04
CA LEU C 290 22.40 -2.41 4.43
C LEU C 290 21.47 -1.27 4.79
N ALA C 291 20.76 -0.72 3.81
CA ALA C 291 19.85 0.40 3.99
C ALA C 291 18.56 0.21 3.21
N GLY C 292 17.41 0.50 3.81
CA GLY C 292 16.11 0.44 3.17
C GLY C 292 15.75 1.80 2.56
N TYR C 293 15.15 1.82 1.38
CA TYR C 293 14.84 3.04 0.65
C TYR C 293 13.36 3.10 0.26
N ASP C 294 12.88 4.32 0.00
CA ASP C 294 11.48 4.56 -0.38
C ASP C 294 11.09 4.00 -1.75
N ASP C 295 12.07 3.65 -2.60
CA ASP C 295 11.90 3.13 -3.97
C ASP C 295 11.43 1.67 -4.06
N PHE C 296 11.14 1.03 -2.92
CA PHE C 296 10.69 -0.36 -2.74
C PHE C 296 11.79 -1.43 -2.68
N ASN C 297 13.07 -1.08 -2.56
CA ASN C 297 14.12 -2.07 -2.35
C ASN C 297 15.21 -1.61 -1.37
N CYS C 298 16.00 -2.56 -0.87
CA CYS C 298 17.09 -2.30 0.03
C CYS C 298 18.41 -2.39 -0.72
N ASN C 299 19.26 -1.38 -0.60
CA ASN C 299 20.59 -1.41 -1.18
C ASN C 299 21.57 -1.84 -0.11
N VAL C 300 22.38 -2.85 -0.46
CA VAL C 300 23.61 -3.18 0.24
C VAL C 300 24.70 -2.24 -0.24
N TRP C 301 25.68 -2.00 0.60
CA TRP C 301 26.80 -1.12 0.42
C TRP C 301 28.04 -1.76 1.05
N ASP C 302 29.23 -1.39 0.60
CA ASP C 302 30.45 -1.61 1.38
C ASP C 302 30.66 -0.40 2.31
N ALA C 303 30.69 -0.62 3.63
CA ALA C 303 30.94 0.45 4.59
C ALA C 303 32.31 1.08 4.37
N LEU C 304 33.34 0.27 4.14
CA LEU C 304 34.70 0.77 4.03
C LEU C 304 35.04 1.26 2.63
N LYS C 305 34.13 1.14 1.68
CA LYS C 305 34.36 1.65 0.32
C LYS C 305 32.98 1.97 -0.27
N ALA C 306 32.69 3.26 -0.42
CA ALA C 306 31.37 3.66 -0.89
C ALA C 306 31.07 3.04 -2.26
N ASP C 307 30.16 2.07 -2.32
CA ASP C 307 29.70 1.42 -3.54
C ASP C 307 28.48 0.58 -3.21
N ARG C 308 27.39 0.68 -3.99
CA ARG C 308 26.15 -0.04 -3.76
C ARG C 308 26.26 -1.53 -4.15
N ALA C 309 27.12 -2.25 -3.44
CA ALA C 309 27.63 -3.60 -3.72
C ALA C 309 26.59 -4.75 -3.74
N GLY C 310 25.30 -4.50 -3.59
CA GLY C 310 24.25 -5.51 -3.75
C GLY C 310 22.87 -4.91 -3.57
N VAL C 311 21.82 -5.66 -3.90
CA VAL C 311 20.42 -5.24 -3.71
C VAL C 311 19.59 -6.39 -3.19
N LEU C 312 18.74 -6.12 -2.21
CA LEU C 312 17.65 -6.98 -1.78
C LEU C 312 16.39 -6.39 -2.40
N ALA C 313 15.83 -7.03 -3.41
CA ALA C 313 14.63 -6.57 -4.09
C ALA C 313 13.60 -7.70 -4.26
N GLY C 314 12.33 -7.38 -4.01
CA GLY C 314 11.24 -8.35 -4.00
C GLY C 314 9.97 -7.86 -3.29
N HIS C 315 10.04 -6.79 -2.51
CA HIS C 315 8.86 -6.14 -1.93
C HIS C 315 8.06 -5.34 -2.96
N ASP C 316 6.74 -5.36 -2.86
CA ASP C 316 5.82 -4.58 -3.70
C ASP C 316 5.74 -3.08 -3.31
N ASN C 317 6.37 -2.69 -2.19
CA ASN C 317 6.22 -1.39 -1.56
C ASN C 317 7.47 -1.01 -0.75
N ARG C 318 7.47 0.15 -0.07
CA ARG C 318 8.55 0.71 0.75
C ARG C 318 9.08 -0.27 1.80
N VAL C 319 10.39 -0.56 1.77
CA VAL C 319 11.06 -1.25 2.88
C VAL C 319 11.17 -0.28 4.03
N SER C 320 10.39 -0.49 5.09
CA SER C 320 10.29 0.39 6.25
C SER C 320 11.34 0.08 7.32
N CYS C 321 11.73 -1.18 7.45
CA CYS C 321 12.58 -1.68 8.51
C CYS C 321 13.48 -2.81 8.03
N LEU C 322 14.64 -2.94 8.65
CA LEU C 322 15.55 -4.05 8.45
C LEU C 322 16.47 -4.25 9.64
N GLY C 323 17.05 -5.43 9.76
CA GLY C 323 18.02 -5.75 10.81
C GLY C 323 18.74 -7.07 10.57
N VAL C 324 19.98 -7.16 11.04
CA VAL C 324 20.84 -8.32 10.91
C VAL C 324 20.90 -9.07 12.24
N THR C 325 20.89 -10.40 12.21
CA THR C 325 20.97 -11.23 13.43
C THR C 325 22.30 -11.05 14.15
N ASP C 326 22.33 -11.35 15.45
CA ASP C 326 23.53 -11.16 16.29
C ASP C 326 24.74 -12.03 15.92
N ASP C 327 24.51 -13.13 15.20
CA ASP C 327 25.53 -14.01 14.62
C ASP C 327 25.80 -13.76 13.13
N GLY C 328 25.12 -12.79 12.50
CA GLY C 328 25.27 -12.46 11.08
C GLY C 328 24.59 -13.41 10.08
N MET C 329 23.94 -14.48 10.53
CA MET C 329 23.38 -15.53 9.67
C MET C 329 21.93 -15.28 9.19
N ALA C 330 21.44 -14.06 9.24
CA ALA C 330 20.31 -13.60 8.42
C ALA C 330 20.23 -12.08 8.43
N VAL C 331 19.57 -11.54 7.41
CA VAL C 331 19.00 -10.20 7.39
C VAL C 331 17.49 -10.37 7.28
N ALA C 332 16.73 -9.59 8.02
CA ALA C 332 15.31 -9.46 7.77
C ALA C 332 15.06 -8.05 7.25
N THR C 333 14.08 -7.92 6.39
CA THR C 333 13.55 -6.62 5.96
C THR C 333 12.03 -6.72 6.00
N GLY C 334 11.37 -5.73 6.56
CA GLY C 334 9.93 -5.56 6.51
C GLY C 334 9.54 -4.44 5.57
N SER C 335 8.30 -4.45 5.13
CA SER C 335 7.85 -3.53 4.11
C SER C 335 6.36 -3.23 4.24
N TRP C 336 5.98 -2.09 3.66
CA TRP C 336 4.61 -1.62 3.55
C TRP C 336 3.68 -2.53 2.74
N ASP C 337 4.19 -3.61 2.14
CA ASP C 337 3.39 -4.71 1.60
C ASP C 337 3.16 -5.88 2.58
N SER C 338 3.33 -5.69 3.91
CA SER C 338 2.93 -6.61 4.97
C SER C 338 3.61 -7.96 4.88
N PHE C 339 4.84 -8.03 4.36
CA PHE C 339 5.69 -9.22 4.41
C PHE C 339 7.03 -8.91 5.07
N LEU C 340 7.63 -9.92 5.71
CA LEU C 340 9.06 -9.91 6.01
C LEU C 340 9.74 -11.00 5.20
N LYS C 341 10.84 -10.65 4.53
CA LYS C 341 11.68 -11.55 3.75
C LYS C 341 12.99 -11.74 4.48
N ILE C 342 13.44 -12.98 4.67
CA ILE C 342 14.74 -13.27 5.29
C ILE C 342 15.74 -13.48 4.16
N TRP C 343 16.82 -12.71 4.18
CA TRP C 343 17.85 -12.69 3.15
C TRP C 343 19.12 -13.32 3.68
N ASN C 344 19.70 -14.22 2.93
CA ASN C 344 20.95 -14.87 3.31
C ASN C 344 21.70 -15.35 2.08
N MET D 1 -29.07 -18.51 -56.20
CA MET D 1 -29.14 -17.73 -54.93
C MET D 1 -28.26 -18.36 -53.86
N GLY D 2 -28.03 -19.66 -53.97
CA GLY D 2 -27.19 -20.34 -53.00
C GLY D 2 -25.74 -19.89 -53.05
N GLY D 3 -25.21 -19.68 -54.27
CA GLY D 3 -23.80 -19.32 -54.40
C GLY D 3 -23.46 -17.99 -53.77
N VAL D 4 -24.29 -16.97 -54.01
CA VAL D 4 -24.02 -15.64 -53.46
C VAL D 4 -24.10 -15.68 -51.94
N ILE D 5 -25.11 -16.37 -51.40
CA ILE D 5 -25.25 -16.48 -49.95
C ILE D 5 -24.02 -17.19 -49.37
N LYS D 6 -23.59 -18.27 -50.01
CA LYS D 6 -22.42 -19.01 -49.52
C LYS D 6 -21.17 -18.14 -49.54
N SER D 7 -20.98 -17.38 -50.62
CA SER D 7 -19.80 -16.52 -50.71
C SER D 7 -19.83 -15.43 -49.64
N ILE D 8 -21.00 -14.82 -49.43
CA ILE D 8 -21.11 -13.78 -48.40
C ILE D 8 -20.84 -14.38 -47.02
N PHE D 9 -21.39 -15.56 -46.75
CA PHE D 9 -21.14 -16.20 -45.46
C PHE D 9 -19.67 -16.51 -45.28
N THR D 10 -19.01 -17.00 -46.34
CA THR D 10 -17.58 -17.29 -46.24
C THR D 10 -16.78 -16.02 -45.98
N PHE D 11 -17.11 -14.92 -46.65
CA PHE D 11 -16.38 -13.67 -46.44
C PHE D 11 -16.57 -13.15 -45.02
N VAL D 12 -17.82 -13.18 -44.52
CA VAL D 12 -18.05 -12.68 -43.17
C VAL D 12 -17.35 -13.59 -42.15
N LEU D 13 -17.31 -14.90 -42.41
CA LEU D 13 -16.59 -15.80 -41.51
C LEU D 13 -15.10 -15.51 -41.53
N ILE D 14 -14.54 -15.22 -42.71
CA ILE D 14 -13.12 -14.91 -42.79
C ILE D 14 -12.79 -13.64 -42.01
N VAL D 15 -13.62 -12.60 -42.16
CA VAL D 15 -13.36 -11.37 -41.44
C VAL D 15 -13.53 -11.57 -39.94
N GLU D 16 -14.52 -12.38 -39.54
CA GLU D 16 -14.67 -12.70 -38.13
C GLU D 16 -13.44 -13.41 -37.60
N PHE D 17 -12.94 -14.39 -38.36
CA PHE D 17 -11.75 -15.12 -37.94
C PHE D 17 -10.56 -14.18 -37.75
N ILE D 18 -10.29 -13.34 -38.74
CA ILE D 18 -9.11 -12.48 -38.66
C ILE D 18 -9.26 -11.46 -37.53
N ILE D 19 -10.44 -10.84 -37.41
CA ILE D 19 -10.62 -9.82 -36.38
C ILE D 19 -10.51 -10.44 -34.99
N GLY D 20 -11.16 -11.58 -34.76
CA GLY D 20 -11.05 -12.23 -33.47
C GLY D 20 -9.63 -12.67 -33.16
N ASN D 21 -8.94 -13.24 -34.15
CA ASN D 21 -7.56 -13.66 -33.96
C ASN D 21 -6.70 -12.47 -33.54
N LEU D 22 -6.77 -11.38 -34.30
CA LEU D 22 -5.92 -10.23 -33.98
C LEU D 22 -6.27 -9.64 -32.62
N GLY D 23 -7.55 -9.53 -32.29
CA GLY D 23 -7.94 -8.96 -31.01
C GLY D 23 -7.48 -9.78 -29.82
N ASN D 24 -7.77 -11.09 -29.86
CA ASN D 24 -7.36 -11.95 -28.77
C ASN D 24 -5.84 -12.04 -28.67
N SER D 25 -5.15 -12.10 -29.82
CA SER D 25 -3.70 -12.13 -29.81
C SER D 25 -3.14 -10.85 -29.20
N PHE D 26 -3.75 -9.70 -29.53
CA PHE D 26 -3.29 -8.44 -28.93
C PHE D 26 -3.48 -8.45 -27.42
N ILE D 27 -4.64 -8.92 -26.96
CA ILE D 27 -4.89 -8.96 -25.52
C ILE D 27 -3.85 -9.84 -24.83
N ALA D 28 -3.67 -11.06 -25.35
CA ALA D 28 -2.74 -12.00 -24.72
C ALA D 28 -1.31 -11.46 -24.78
N LEU D 29 -0.93 -10.86 -25.91
CA LEU D 29 0.44 -10.38 -26.06
C LEU D 29 0.72 -9.21 -25.14
N VAL D 30 -0.21 -8.26 -25.01
CA VAL D 30 0.01 -7.13 -24.13
C VAL D 30 0.06 -7.61 -22.67
N ASN D 31 -0.82 -8.53 -22.30
CA ASN D 31 -0.78 -9.05 -20.93
C ASN D 31 0.56 -9.75 -20.65
N CYS D 32 1.02 -10.58 -21.59
CA CYS D 32 2.29 -11.28 -21.39
C CYS D 32 3.46 -10.31 -21.34
N ILE D 33 3.44 -9.28 -22.20
CA ILE D 33 4.51 -8.29 -22.20
C ILE D 33 4.56 -7.55 -20.86
N ASP D 34 3.40 -7.13 -20.36
CA ASP D 34 3.37 -6.46 -19.08
C ASP D 34 3.75 -7.38 -17.93
N TRP D 35 3.50 -8.68 -18.06
CA TRP D 35 3.96 -9.63 -17.05
C TRP D 35 5.48 -9.75 -17.08
N VAL D 36 6.06 -9.85 -18.28
CA VAL D 36 7.50 -10.08 -18.40
C VAL D 36 8.28 -8.89 -17.87
N LYS D 37 7.88 -7.68 -18.24
CA LYS D 37 8.58 -6.46 -17.82
C LYS D 37 7.93 -5.92 -16.55
N GLY D 38 8.15 -6.65 -15.46
CA GLY D 38 7.60 -6.22 -14.18
C GLY D 38 6.10 -6.08 -14.27
N ARG D 39 5.59 -4.91 -13.90
CA ARG D 39 4.19 -4.56 -14.05
C ARG D 39 3.29 -5.66 -13.50
N LYS D 40 3.33 -5.81 -12.17
CA LYS D 40 2.52 -6.80 -11.48
C LYS D 40 1.09 -6.79 -12.01
N ILE D 41 0.65 -7.91 -12.57
CA ILE D 41 -0.67 -7.95 -13.19
C ILE D 41 -1.75 -8.12 -12.13
N SER D 42 -2.93 -7.57 -12.41
CA SER D 42 -4.12 -7.69 -11.57
C SER D 42 -4.85 -9.01 -11.83
N SER D 43 -5.80 -9.38 -10.98
CA SER D 43 -6.64 -10.55 -11.21
C SER D 43 -7.46 -10.39 -12.48
N VAL D 44 -7.99 -9.19 -12.74
CA VAL D 44 -8.74 -8.94 -13.99
C VAL D 44 -7.85 -9.20 -15.18
N ASP D 45 -6.58 -8.82 -15.10
CA ASP D 45 -5.66 -9.09 -16.20
C ASP D 45 -5.50 -10.59 -16.43
N ARG D 46 -5.38 -11.36 -15.35
CA ARG D 46 -5.25 -12.81 -15.48
C ARG D 46 -6.50 -13.41 -16.11
N ILE D 47 -7.68 -12.97 -15.67
CA ILE D 47 -8.92 -13.49 -16.25
C ILE D 47 -9.02 -13.13 -17.72
N LEU D 48 -8.63 -11.89 -18.06
CA LEU D 48 -8.70 -11.46 -19.46
C LEU D 48 -7.77 -12.28 -20.34
N THR D 49 -6.54 -12.52 -19.88
CA THR D 49 -5.62 -13.31 -20.71
C THR D 49 -6.08 -14.76 -20.83
N ALA D 50 -6.63 -15.34 -19.75
CA ALA D 50 -7.17 -16.69 -19.87
C ALA D 50 -8.33 -16.74 -20.85
N LEU D 51 -9.20 -15.73 -20.81
CA LEU D 51 -10.32 -15.67 -21.75
C LEU D 51 -9.80 -15.54 -23.18
N ALA D 52 -8.76 -14.72 -23.38
CA ALA D 52 -8.19 -14.58 -24.72
C ALA D 52 -7.61 -15.91 -25.21
N ILE D 53 -6.95 -16.65 -24.32
CA ILE D 53 -6.42 -17.96 -24.70
C ILE D 53 -7.54 -18.89 -25.11
N SER D 54 -8.62 -18.92 -24.32
CA SER D 54 -9.76 -19.78 -24.65
C SER D 54 -10.36 -19.39 -25.99
N ARG D 55 -10.49 -18.08 -26.24
CA ARG D 55 -11.11 -17.61 -27.47
C ARG D 55 -10.24 -17.92 -28.68
N ILE D 56 -8.92 -17.78 -28.56
CA ILE D 56 -8.06 -18.15 -29.68
C ILE D 56 -8.12 -19.65 -29.92
N SER D 57 -8.20 -20.46 -28.86
CA SER D 57 -8.38 -21.90 -29.05
C SER D 57 -9.66 -22.18 -29.83
N LEU D 58 -10.76 -21.51 -29.44
CA LEU D 58 -12.04 -21.76 -30.08
C LEU D 58 -12.01 -21.33 -31.54
N VAL D 59 -11.43 -20.16 -31.84
CA VAL D 59 -11.40 -19.69 -33.22
C VAL D 59 -10.52 -20.58 -34.08
N TRP D 60 -9.39 -21.05 -33.53
CA TRP D 60 -8.55 -21.99 -34.28
C TRP D 60 -9.31 -23.29 -34.56
N LEU D 61 -10.03 -23.80 -33.55
CA LEU D 61 -10.79 -25.03 -33.77
C LEU D 61 -11.85 -24.84 -34.85
N ILE D 62 -12.58 -23.72 -34.82
CA ILE D 62 -13.64 -23.49 -35.80
C ILE D 62 -13.04 -23.31 -37.19
N PHE D 63 -11.92 -22.59 -37.30
CA PHE D 63 -11.31 -22.38 -38.60
C PHE D 63 -10.75 -23.69 -39.15
N GLY D 64 -10.19 -24.54 -38.29
CA GLY D 64 -9.77 -25.86 -38.73
C GLY D 64 -10.94 -26.70 -39.21
N SER D 65 -12.08 -26.62 -38.50
CA SER D 65 -13.27 -27.32 -38.95
C SER D 65 -13.70 -26.83 -40.33
N TRP D 66 -13.67 -25.51 -40.54
CA TRP D 66 -14.04 -24.96 -41.85
C TRP D 66 -13.07 -25.45 -42.93
N CYS D 67 -11.77 -25.45 -42.63
CA CYS D 67 -10.79 -25.91 -43.61
C CYS D 67 -11.01 -27.37 -43.96
N VAL D 68 -11.29 -28.21 -42.96
CA VAL D 68 -11.58 -29.61 -43.23
C VAL D 68 -12.86 -29.77 -44.04
N SER D 69 -13.88 -28.94 -43.79
CA SER D 69 -15.09 -28.98 -44.58
C SER D 69 -14.88 -28.50 -46.01
N VAL D 70 -13.88 -27.67 -46.25
CA VAL D 70 -13.58 -27.17 -47.59
C VAL D 70 -12.63 -28.13 -48.29
N PHE D 71 -11.44 -28.32 -47.71
CA PHE D 71 -10.46 -29.24 -48.27
C PHE D 71 -10.80 -30.66 -47.90
N PHE D 72 -10.73 -31.56 -48.87
CA PHE D 72 -11.09 -32.96 -48.70
C PHE D 72 -12.31 -33.12 -47.78
N PRO D 73 -13.48 -32.67 -48.22
CA PRO D 73 -14.67 -32.75 -47.36
C PRO D 73 -15.06 -34.17 -47.00
N ALA D 74 -14.60 -35.17 -47.74
CA ALA D 74 -14.95 -36.55 -47.42
C ALA D 74 -14.62 -36.89 -45.97
N LEU D 75 -13.51 -36.36 -45.45
CA LEU D 75 -13.18 -36.58 -44.05
C LEU D 75 -14.23 -35.95 -43.14
N PHE D 76 -14.70 -34.74 -43.49
CA PHE D 76 -15.70 -34.07 -42.67
C PHE D 76 -17.00 -34.85 -42.61
N ALA D 77 -17.34 -35.58 -43.68
CA ALA D 77 -18.59 -36.33 -43.71
C ALA D 77 -18.56 -37.53 -42.77
N THR D 78 -17.39 -37.93 -42.31
CA THR D 78 -17.29 -39.10 -41.43
C THR D 78 -17.95 -38.83 -40.09
N GLU D 79 -18.60 -39.86 -39.54
CA GLU D 79 -19.26 -39.71 -38.24
C GLU D 79 -18.25 -39.51 -37.11
N LYS D 80 -17.08 -40.13 -37.22
CA LYS D 80 -16.08 -40.01 -36.16
C LYS D 80 -15.68 -38.56 -35.97
N MET D 81 -15.42 -37.84 -37.07
CA MET D 81 -15.14 -36.41 -36.97
C MET D 81 -16.36 -35.66 -36.44
N PHE D 82 -17.55 -35.99 -36.93
CA PHE D 82 -18.76 -35.33 -36.48
C PHE D 82 -18.88 -35.39 -34.96
N ARG D 83 -18.43 -36.49 -34.36
CA ARG D 83 -18.53 -36.64 -32.92
C ARG D 83 -17.36 -35.96 -32.20
N MET D 84 -16.13 -36.23 -32.64
CA MET D 84 -14.96 -35.73 -31.93
C MET D 84 -14.89 -34.21 -31.99
N LEU D 85 -15.08 -33.63 -33.18
CA LEU D 85 -14.96 -32.18 -33.32
C LEU D 85 -16.02 -31.46 -32.49
N THR D 86 -17.26 -31.97 -32.50
CA THR D 86 -18.31 -31.32 -31.71
C THR D 86 -18.05 -31.47 -30.22
N ASN D 87 -17.51 -32.62 -29.78
CA ASN D 87 -17.19 -32.79 -28.37
C ASN D 87 -16.13 -31.78 -27.92
N ILE D 88 -15.04 -31.68 -28.69
CA ILE D 88 -13.98 -30.74 -28.32
C ILE D 88 -14.50 -29.31 -28.37
N TRP D 89 -15.32 -28.99 -29.38
CA TRP D 89 -15.88 -27.65 -29.48
C TRP D 89 -16.73 -27.33 -28.25
N THR D 90 -17.61 -28.24 -27.85
CA THR D 90 -18.47 -27.95 -26.70
C THR D 90 -17.65 -27.80 -25.44
N VAL D 91 -16.62 -28.63 -25.25
CA VAL D 91 -15.77 -28.46 -24.07
C VAL D 91 -15.14 -27.08 -24.05
N ILE D 92 -14.51 -26.70 -25.16
CA ILE D 92 -13.80 -25.42 -25.21
C ILE D 92 -14.76 -24.25 -25.05
N ASN D 93 -15.91 -24.31 -25.72
CA ASN D 93 -16.87 -23.22 -25.66
C ASN D 93 -17.49 -23.09 -24.28
N HIS D 94 -17.78 -24.22 -23.62
CA HIS D 94 -18.27 -24.17 -22.25
C HIS D 94 -17.26 -23.49 -21.35
N PHE D 95 -15.99 -23.90 -21.45
CA PHE D 95 -14.97 -23.28 -20.61
C PHE D 95 -14.87 -21.79 -20.87
N SER D 96 -14.86 -21.38 -22.15
CA SER D 96 -14.73 -19.96 -22.47
C SER D 96 -15.92 -19.16 -21.97
N VAL D 97 -17.14 -19.67 -22.19
CA VAL D 97 -18.33 -18.93 -21.78
C VAL D 97 -18.38 -18.80 -20.26
N TRP D 98 -18.06 -19.87 -19.54
CA TRP D 98 -18.09 -19.78 -18.09
C TRP D 98 -16.93 -18.95 -17.53
N LEU D 99 -15.80 -18.88 -18.24
CA LEU D 99 -14.75 -17.95 -17.83
C LEU D 99 -15.20 -16.51 -18.00
N ALA D 100 -15.89 -16.21 -19.11
CA ALA D 100 -16.46 -14.87 -19.28
C ALA D 100 -17.48 -14.57 -18.18
N THR D 101 -18.32 -15.56 -17.83
CA THR D 101 -19.28 -15.37 -16.75
C THR D 101 -18.56 -15.13 -15.43
N GLY D 102 -17.44 -15.81 -15.20
CA GLY D 102 -16.65 -15.57 -14.00
C GLY D 102 -16.08 -14.16 -13.97
N LEU D 103 -15.62 -13.67 -15.13
CA LEU D 103 -15.16 -12.28 -15.19
C LEU D 103 -16.29 -11.32 -14.86
N GLY D 104 -17.48 -11.58 -15.39
CA GLY D 104 -18.63 -10.74 -15.05
C GLY D 104 -18.98 -10.79 -13.58
N THR D 105 -18.91 -11.97 -12.97
CA THR D 105 -19.16 -12.10 -11.54
C THR D 105 -18.12 -11.34 -10.73
N PHE D 106 -16.85 -11.41 -11.13
CA PHE D 106 -15.77 -10.70 -10.49
C PHE D 106 -16.02 -9.20 -10.49
N TYR D 107 -16.38 -8.61 -11.64
CA TYR D 107 -16.79 -7.21 -11.72
C TYR D 107 -18.01 -6.92 -10.86
N PHE D 108 -19.08 -7.73 -10.92
CA PHE D 108 -20.27 -7.44 -10.13
C PHE D 108 -19.95 -7.40 -8.64
N LEU D 109 -19.16 -8.36 -8.17
CA LEU D 109 -18.83 -8.39 -6.75
C LEU D 109 -17.91 -7.24 -6.37
N LYS D 110 -16.78 -7.11 -7.08
CA LYS D 110 -15.71 -6.16 -6.72
C LYS D 110 -16.19 -4.72 -6.74
N ILE D 111 -16.96 -4.31 -7.74
CA ILE D 111 -17.36 -2.90 -7.88
C ILE D 111 -18.66 -2.59 -7.12
N ALA D 112 -19.70 -3.42 -7.19
CA ALA D 112 -21.01 -3.05 -6.63
C ALA D 112 -21.06 -3.04 -5.08
N ASN D 113 -22.09 -2.42 -4.52
CA ASN D 113 -22.42 -2.44 -3.08
C ASN D 113 -23.92 -2.69 -2.87
N PHE D 114 -24.29 -3.57 -1.91
CA PHE D 114 -25.67 -3.76 -1.49
C PHE D 114 -25.69 -3.98 0.01
N SER D 115 -26.87 -3.85 0.60
CA SER D 115 -27.06 -4.03 2.04
C SER D 115 -27.37 -5.47 2.42
N ASN D 116 -27.58 -6.36 1.47
CA ASN D 116 -27.91 -7.75 1.77
C ASN D 116 -26.67 -8.48 2.27
N SER D 117 -26.78 -9.14 3.43
CA SER D 117 -25.62 -9.78 4.04
C SER D 117 -25.01 -10.83 3.14
N ILE D 118 -25.84 -11.59 2.42
CA ILE D 118 -25.32 -12.60 1.50
C ILE D 118 -24.43 -11.93 0.46
N PHE D 119 -24.87 -10.77 -0.06
CA PHE D 119 -24.05 -10.06 -1.04
C PHE D 119 -22.73 -9.63 -0.43
N LEU D 120 -22.74 -9.15 0.82
CA LEU D 120 -21.49 -8.74 1.46
C LEU D 120 -20.55 -9.94 1.62
N TYR D 121 -21.08 -11.09 2.01
CA TYR D 121 -20.26 -12.28 2.15
C TYR D 121 -19.62 -12.67 0.83
N LEU D 122 -20.42 -12.69 -0.25
CA LEU D 122 -19.86 -13.01 -1.56
C LEU D 122 -18.87 -11.94 -2.00
N LYS D 123 -19.11 -10.66 -1.65
CA LYS D 123 -18.28 -9.49 -1.98
C LYS D 123 -16.89 -9.65 -1.36
N TRP D 124 -16.83 -10.06 -0.09
CA TRP D 124 -15.56 -10.21 0.60
C TRP D 124 -14.93 -11.59 0.42
N ARG D 125 -15.67 -12.53 -0.17
CA ARG D 125 -15.11 -13.82 -0.60
C ARG D 125 -15.04 -13.94 -2.11
N VAL D 126 -14.85 -12.83 -2.83
CA VAL D 126 -14.99 -12.83 -4.28
C VAL D 126 -14.01 -13.79 -4.94
N LYS D 127 -12.75 -13.77 -4.52
CA LYS D 127 -11.73 -14.57 -5.21
C LYS D 127 -12.02 -16.05 -5.12
N LYS D 128 -12.49 -16.53 -3.97
CA LYS D 128 -12.86 -17.94 -3.86
C LYS D 128 -14.19 -18.22 -4.55
N VAL D 129 -15.07 -17.21 -4.62
CA VAL D 129 -16.38 -17.41 -5.23
C VAL D 129 -16.23 -17.72 -6.71
N VAL D 130 -15.39 -16.96 -7.42
CA VAL D 130 -15.26 -17.14 -8.87
C VAL D 130 -14.59 -18.47 -9.18
N LEU D 131 -13.57 -18.84 -8.41
CA LEU D 131 -12.89 -20.11 -8.65
C LEU D 131 -13.83 -21.28 -8.42
N VAL D 132 -14.62 -21.24 -7.34
CA VAL D 132 -15.58 -22.30 -7.08
C VAL D 132 -16.65 -22.34 -8.16
N LEU D 133 -17.09 -21.16 -8.62
CA LEU D 133 -18.06 -21.12 -9.72
C LEU D 133 -17.50 -21.80 -10.97
N LEU D 134 -16.24 -21.52 -11.30
CA LEU D 134 -15.63 -22.18 -12.44
C LEU D 134 -15.52 -23.69 -12.23
N LEU D 135 -15.15 -24.12 -11.02
CA LEU D 135 -15.01 -25.55 -10.75
C LEU D 135 -16.36 -26.24 -10.67
N VAL D 136 -17.33 -25.63 -9.97
CA VAL D 136 -18.63 -26.28 -9.80
C VAL D 136 -19.40 -26.38 -11.12
N THR D 137 -19.13 -25.49 -12.07
CA THR D 137 -19.83 -25.53 -13.36
C THR D 137 -19.43 -26.72 -14.21
N SER D 138 -18.39 -27.47 -13.83
CA SER D 138 -18.00 -28.63 -14.61
C SER D 138 -19.12 -29.66 -14.71
N VAL D 139 -20.05 -29.68 -13.76
CA VAL D 139 -21.18 -30.59 -13.85
C VAL D 139 -22.01 -30.29 -15.10
N PHE D 140 -22.17 -29.01 -15.43
CA PHE D 140 -22.87 -28.65 -16.66
C PHE D 140 -22.13 -29.18 -17.88
N LEU D 141 -20.81 -29.09 -17.88
CA LEU D 141 -20.03 -29.59 -19.02
C LEU D 141 -20.23 -31.08 -19.20
N PHE D 142 -20.16 -31.85 -18.11
CA PHE D 142 -20.32 -33.29 -18.21
C PHE D 142 -21.72 -33.66 -18.69
N LEU D 143 -22.75 -32.99 -18.17
CA LEU D 143 -24.10 -33.27 -18.61
C LEU D 143 -24.29 -32.92 -20.08
N ASN D 144 -23.74 -31.79 -20.52
CA ASN D 144 -23.81 -31.40 -21.93
C ASN D 144 -23.13 -32.44 -22.81
N ILE D 145 -21.95 -32.90 -22.39
CA ILE D 145 -21.23 -33.92 -23.15
C ILE D 145 -22.06 -35.19 -23.26
N ALA D 146 -22.62 -35.64 -22.13
CA ALA D 146 -23.41 -36.86 -22.14
C ALA D 146 -24.63 -36.71 -23.06
N LEU D 147 -25.33 -35.58 -22.94
CA LEU D 147 -26.54 -35.39 -23.74
C LEU D 147 -26.22 -35.32 -25.22
N ILE D 148 -25.19 -34.57 -25.60
CA ILE D 148 -24.85 -34.46 -27.02
C ILE D 148 -24.40 -35.81 -27.56
N ASN D 149 -23.59 -36.55 -26.79
CA ASN D 149 -23.13 -37.85 -27.25
C ASN D 149 -24.28 -38.83 -27.42
N ILE D 150 -25.20 -38.89 -26.46
CA ILE D 150 -26.31 -39.82 -26.58
C ILE D 150 -27.21 -39.41 -27.75
N HIS D 151 -27.41 -38.10 -27.94
CA HIS D 151 -28.26 -37.64 -29.03
C HIS D 151 -27.66 -38.00 -30.38
N ILE D 152 -26.36 -37.77 -30.56
CA ILE D 152 -25.72 -38.09 -31.83
C ILE D 152 -25.69 -39.60 -32.05
N ASN D 153 -25.47 -40.37 -30.99
CA ASN D 153 -25.48 -41.82 -31.12
C ASN D 153 -26.86 -42.31 -31.55
N ALA D 154 -27.92 -41.77 -30.95
CA ALA D 154 -29.27 -42.15 -31.34
C ALA D 154 -29.56 -41.75 -32.79
N SER D 155 -29.11 -40.56 -33.19
CA SER D 155 -29.32 -40.13 -34.57
C SER D 155 -28.60 -41.05 -35.55
N ILE D 156 -27.36 -41.45 -35.23
CA ILE D 156 -26.63 -42.36 -36.10
C ILE D 156 -27.32 -43.72 -36.16
N ASN D 157 -27.77 -44.22 -35.01
CA ASN D 157 -28.47 -45.51 -35.00
C ASN D 157 -29.72 -45.46 -35.83
N GLY D 158 -30.51 -44.37 -35.74
CA GLY D 158 -31.68 -44.24 -36.57
C GLY D 158 -31.33 -44.14 -38.05
N TYR D 159 -30.24 -43.43 -38.37
CA TYR D 159 -29.81 -43.32 -39.75
C TYR D 159 -29.43 -44.68 -40.33
N ARG D 160 -28.73 -45.51 -39.54
CA ARG D 160 -28.37 -46.85 -39.97
C ARG D 160 -29.29 -47.89 -39.33
N ARG D 174 -27.97 -33.54 -42.32
CA ARG D 174 -27.82 -34.12 -40.99
C ARG D 174 -28.93 -33.67 -40.05
N PHE D 175 -29.03 -34.33 -38.91
CA PHE D 175 -30.00 -33.98 -37.87
C PHE D 175 -29.41 -32.99 -36.87
N SER D 176 -28.89 -31.89 -37.38
CA SER D 176 -28.29 -30.86 -36.54
C SER D 176 -29.32 -29.87 -36.02
N SER D 177 -30.57 -29.93 -36.51
CA SER D 177 -31.58 -28.98 -36.07
C SER D 177 -31.81 -29.05 -34.57
N LEU D 178 -31.58 -30.21 -33.96
CA LEU D 178 -31.78 -30.39 -32.54
C LEU D 178 -30.48 -30.30 -31.74
N ILE D 179 -29.35 -30.68 -32.33
CA ILE D 179 -28.07 -30.49 -31.66
C ILE D 179 -27.79 -29.01 -31.49
N VAL D 180 -28.08 -28.21 -32.52
CA VAL D 180 -27.91 -26.76 -32.40
C VAL D 180 -28.88 -26.19 -31.38
N LEU D 181 -30.09 -26.75 -31.30
CA LEU D 181 -31.04 -26.31 -30.28
C LEU D 181 -30.50 -26.58 -28.88
N THR D 182 -29.93 -27.76 -28.68
CA THR D 182 -29.33 -28.08 -27.37
C THR D 182 -28.18 -27.14 -27.06
N SER D 183 -27.33 -26.85 -28.05
CA SER D 183 -26.23 -25.93 -27.84
C SER D 183 -26.74 -24.55 -27.45
N THR D 184 -27.78 -24.07 -28.13
CA THR D 184 -28.35 -22.77 -27.80
C THR D 184 -28.93 -22.77 -26.39
N VAL D 185 -29.62 -23.85 -26.03
CA VAL D 185 -30.23 -23.94 -24.70
C VAL D 185 -29.16 -23.88 -23.62
N PHE D 186 -28.06 -24.62 -23.81
CA PHE D 186 -26.99 -24.65 -22.82
C PHE D 186 -26.06 -23.45 -22.91
N ILE D 187 -26.17 -22.64 -23.95
CA ILE D 187 -25.43 -21.38 -24.01
C ILE D 187 -26.21 -20.24 -23.36
N PHE D 188 -27.55 -20.27 -23.46
CA PHE D 188 -28.34 -19.22 -22.82
C PHE D 188 -28.24 -19.25 -21.30
N ILE D 189 -27.91 -20.40 -20.71
CA ILE D 189 -27.91 -20.50 -19.24
C ILE D 189 -26.92 -19.53 -18.61
N PRO D 190 -25.63 -19.50 -19.00
CA PRO D 190 -24.72 -18.52 -18.41
C PRO D 190 -24.99 -17.10 -18.88
N PHE D 191 -25.49 -16.98 -20.11
CA PHE D 191 -25.76 -15.65 -20.67
C PHE D 191 -26.87 -14.94 -19.88
N THR D 192 -27.90 -15.68 -19.47
CA THR D 192 -28.96 -15.07 -18.67
C THR D 192 -28.42 -14.57 -17.33
N LEU D 193 -27.57 -15.37 -16.67
CA LEU D 193 -26.99 -14.93 -15.41
C LEU D 193 -26.12 -13.69 -15.61
N SER D 194 -25.32 -13.68 -16.67
CA SER D 194 -24.49 -12.51 -16.95
C SER D 194 -25.34 -11.27 -17.21
N LEU D 195 -26.40 -11.41 -18.01
CA LEU D 195 -27.35 -10.34 -18.28
C LEU D 195 -27.95 -9.81 -16.99
N ALA D 196 -28.41 -10.70 -16.10
CA ALA D 196 -29.00 -10.30 -14.84
C ALA D 196 -28.00 -9.55 -13.96
N MET D 197 -26.77 -10.05 -13.90
CA MET D 197 -25.74 -9.39 -13.11
C MET D 197 -25.41 -8.01 -13.67
N PHE D 198 -25.29 -7.86 -14.99
CA PHE D 198 -24.95 -6.56 -15.56
C PHE D 198 -26.04 -5.53 -15.26
N LEU D 199 -27.31 -5.93 -15.42
CA LEU D 199 -28.47 -5.12 -15.08
C LEU D 199 -28.51 -4.78 -13.59
N LEU D 200 -28.19 -5.72 -12.68
CA LEU D 200 -28.09 -5.39 -11.27
C LEU D 200 -27.00 -4.36 -11.02
N LEU D 201 -25.79 -4.48 -11.62
CA LEU D 201 -24.72 -3.49 -11.44
C LEU D 201 -25.12 -2.11 -11.98
N ILE D 202 -25.76 -2.04 -13.15
CA ILE D 202 -26.29 -0.78 -13.69
C ILE D 202 -27.33 -0.20 -12.74
N PHE D 203 -28.24 -1.00 -12.17
CA PHE D 203 -29.17 -0.46 -11.18
C PHE D 203 -28.41 0.09 -9.97
N SER D 204 -27.39 -0.63 -9.50
CA SER D 204 -26.62 -0.17 -8.35
C SER D 204 -25.91 1.14 -8.67
N MET D 205 -25.24 1.26 -9.82
CA MET D 205 -24.51 2.48 -10.19
C MET D 205 -25.45 3.67 -10.35
N TRP D 206 -26.61 3.47 -10.98
CA TRP D 206 -27.61 4.52 -11.08
C TRP D 206 -28.17 4.92 -9.71
N LYS D 207 -28.52 3.99 -8.80
CA LYS D 207 -28.95 4.37 -7.46
C LYS D 207 -27.85 5.15 -6.74
N HIS D 208 -26.61 4.67 -6.83
CA HIS D 208 -25.46 5.32 -6.22
C HIS D 208 -25.34 6.76 -6.70
N ARG D 209 -25.40 7.00 -8.02
CA ARG D 209 -25.29 8.36 -8.58
C ARG D 209 -26.52 9.20 -8.27
N LYS D 210 -27.74 8.65 -8.23
CA LYS D 210 -28.90 9.41 -7.81
C LYS D 210 -28.75 9.89 -6.36
N LYS D 211 -28.28 9.00 -5.49
CA LYS D 211 -28.06 9.38 -4.09
C LYS D 211 -26.92 10.38 -3.96
N MET D 212 -25.92 10.29 -4.84
CA MET D 212 -24.79 11.20 -4.80
C MET D 212 -25.14 12.59 -5.32
N GLN D 213 -26.09 12.69 -6.26
CA GLN D 213 -26.45 13.97 -6.86
C GLN D 213 -27.37 14.79 -5.98
N HIS D 214 -27.97 14.19 -4.94
CA HIS D 214 -28.93 14.91 -4.10
C HIS D 214 -28.23 15.55 -2.91
N THR D 215 -27.55 14.74 -2.10
CA THR D 215 -26.90 15.25 -0.90
C THR D 215 -25.56 15.90 -1.22
N VAL D 216 -24.70 15.18 -1.91
CA VAL D 216 -23.36 15.68 -2.23
C VAL D 216 -23.45 16.55 -3.48
N LYS D 217 -22.74 17.68 -3.46
CA LYS D 217 -22.72 18.57 -4.60
C LYS D 217 -21.96 17.95 -5.77
N ILE D 218 -22.21 18.47 -6.97
CA ILE D 218 -21.56 17.95 -8.17
C ILE D 218 -20.05 18.11 -8.12
N SER D 219 -19.54 19.03 -7.31
CA SER D 219 -18.10 19.25 -7.22
C SER D 219 -17.35 18.06 -6.63
N GLY D 220 -18.05 17.11 -6.02
CA GLY D 220 -17.41 15.94 -5.44
C GLY D 220 -16.65 15.13 -6.47
N HIS D 227 -18.01 7.29 -9.82
CA HIS D 227 -18.75 6.26 -10.56
C HIS D 227 -18.76 6.48 -12.08
N ARG D 228 -17.62 6.92 -12.66
CA ARG D 228 -17.49 7.22 -14.10
C ARG D 228 -17.57 5.99 -15.04
N GLY D 229 -17.55 4.78 -14.50
CA GLY D 229 -17.58 3.52 -15.28
C GLY D 229 -18.71 3.40 -16.31
N VAL D 230 -19.83 4.13 -16.14
CA VAL D 230 -20.93 4.25 -17.11
C VAL D 230 -20.50 4.74 -18.51
N LYS D 231 -19.32 5.35 -18.65
CA LYS D 231 -18.68 5.66 -19.95
C LYS D 231 -18.39 4.42 -20.81
N SER D 232 -18.08 3.28 -20.18
CA SER D 232 -17.82 1.98 -20.84
C SER D 232 -19.08 1.12 -21.02
N VAL D 233 -20.11 1.32 -20.20
CA VAL D 233 -21.36 0.54 -20.20
C VAL D 233 -22.07 0.55 -21.56
N ILE D 234 -21.93 1.61 -22.35
CA ILE D 234 -22.47 1.71 -23.70
C ILE D 234 -21.89 0.68 -24.68
N THR D 235 -20.60 0.32 -24.60
CA THR D 235 -20.03 -0.68 -25.51
C THR D 235 -20.52 -2.09 -25.17
N PHE D 236 -20.72 -2.41 -23.89
CA PHE D 236 -21.30 -3.68 -23.48
C PHE D 236 -22.80 -3.80 -23.74
N PHE D 237 -23.59 -2.73 -23.60
CA PHE D 237 -25.01 -2.77 -23.99
C PHE D 237 -25.16 -3.00 -25.50
N LEU D 238 -24.32 -2.35 -26.32
CA LEU D 238 -24.28 -2.56 -27.76
C LEU D 238 -23.97 -4.03 -28.10
N LEU D 239 -22.92 -4.61 -27.50
CA LEU D 239 -22.58 -6.03 -27.65
C LEU D 239 -23.74 -6.94 -27.27
N TYR D 240 -24.31 -6.77 -26.06
CA TYR D 240 -25.42 -7.59 -25.60
C TYR D 240 -26.56 -7.56 -26.60
N ALA D 241 -26.99 -6.38 -27.07
CA ALA D 241 -28.07 -6.25 -28.04
C ALA D 241 -27.76 -6.96 -29.36
N ILE D 242 -26.58 -6.74 -29.94
CA ILE D 242 -26.19 -7.39 -31.19
C ILE D 242 -26.23 -8.92 -31.05
N PHE D 243 -25.56 -9.47 -30.05
CA PHE D 243 -25.47 -10.92 -29.94
C PHE D 243 -26.80 -11.57 -29.52
N SER D 244 -27.66 -10.88 -28.77
CA SER D 244 -28.98 -11.42 -28.45
C SER D 244 -29.87 -11.48 -29.68
N LEU D 245 -29.84 -10.46 -30.53
CA LEU D 245 -30.62 -10.50 -31.76
C LEU D 245 -30.16 -11.64 -32.66
N SER D 246 -28.84 -11.81 -32.80
CA SER D 246 -28.34 -12.91 -33.61
C SER D 246 -28.78 -14.25 -33.06
N PHE D 247 -28.70 -14.43 -31.74
CA PHE D 247 -29.12 -15.69 -31.14
C PHE D 247 -30.62 -15.92 -31.30
N PHE D 248 -31.42 -14.87 -31.18
CA PHE D 248 -32.86 -15.00 -31.41
C PHE D 248 -33.13 -15.45 -32.84
N ILE D 249 -32.41 -14.87 -33.80
CA ILE D 249 -32.55 -15.31 -35.19
C ILE D 249 -32.11 -16.77 -35.33
N SER D 250 -31.13 -17.19 -34.52
CA SER D 250 -30.59 -18.53 -34.64
C SER D 250 -31.67 -19.60 -34.45
N VAL D 251 -32.41 -19.51 -33.35
CA VAL D 251 -33.40 -20.54 -33.05
C VAL D 251 -34.49 -20.56 -34.13
N TRP D 252 -34.91 -19.39 -34.59
CA TRP D 252 -35.91 -19.32 -35.64
C TRP D 252 -35.39 -20.00 -36.91
N THR D 253 -34.15 -19.70 -37.29
CA THR D 253 -33.57 -20.26 -38.51
C THR D 253 -33.27 -21.75 -38.40
N SER D 254 -33.14 -22.28 -37.18
CA SER D 254 -32.83 -23.70 -37.02
C SER D 254 -33.93 -24.60 -37.53
N GLU D 255 -35.17 -24.11 -37.61
CA GLU D 255 -36.30 -24.95 -38.03
C GLU D 255 -37.18 -24.23 -39.05
N ARG D 256 -37.01 -22.92 -39.20
CA ARG D 256 -37.92 -22.15 -40.05
C ARG D 256 -37.75 -22.46 -41.53
N LEU D 257 -36.52 -22.49 -42.04
CA LEU D 257 -36.33 -22.58 -43.48
C LEU D 257 -34.91 -23.05 -43.78
N GLU D 258 -34.70 -23.41 -45.04
CA GLU D 258 -33.38 -23.76 -45.57
C GLU D 258 -32.79 -24.98 -44.87
N GLU D 259 -31.68 -25.50 -45.42
CA GLU D 259 -31.00 -26.63 -44.82
C GLU D 259 -29.49 -26.49 -44.82
N ASN D 260 -28.93 -25.41 -45.39
CA ASN D 260 -27.49 -25.20 -45.39
C ASN D 260 -27.06 -24.61 -44.05
N LEU D 261 -27.29 -25.35 -42.97
CA LEU D 261 -27.04 -24.83 -41.62
C LEU D 261 -25.58 -24.98 -41.22
N ILE D 262 -24.79 -25.79 -41.93
CA ILE D 262 -23.41 -26.05 -41.52
C ILE D 262 -22.61 -24.76 -41.54
N ILE D 263 -22.63 -24.05 -42.67
CA ILE D 263 -21.87 -22.80 -42.77
C ILE D 263 -22.51 -21.72 -41.90
N LEU D 264 -23.84 -21.67 -41.86
CA LEU D 264 -24.52 -20.69 -41.03
C LEU D 264 -24.13 -20.87 -39.57
N SER D 265 -24.20 -22.10 -39.06
CA SER D 265 -23.80 -22.36 -37.68
C SER D 265 -22.32 -22.07 -37.47
N GLN D 266 -21.49 -22.46 -38.43
CA GLN D 266 -20.05 -22.28 -38.29
C GLN D 266 -19.68 -20.80 -38.18
N VAL D 267 -20.38 -19.93 -38.90
CA VAL D 267 -20.11 -18.50 -38.79
C VAL D 267 -20.76 -17.92 -37.54
N MET D 268 -21.97 -18.38 -37.22
CA MET D 268 -22.71 -17.81 -36.10
C MET D 268 -22.01 -18.09 -34.77
N GLY D 269 -21.48 -19.30 -34.60
CA GLY D 269 -20.85 -19.65 -33.34
C GLY D 269 -19.55 -18.93 -33.05
N MET D 270 -18.98 -18.24 -34.04
CA MET D 270 -17.72 -17.54 -33.87
C MET D 270 -17.90 -16.04 -33.63
N ALA D 271 -19.13 -15.54 -33.60
CA ALA D 271 -19.35 -14.11 -33.43
C ALA D 271 -18.93 -13.65 -32.04
N TYR D 272 -19.35 -14.38 -31.00
CA TYR D 272 -19.09 -13.93 -29.64
C TYR D 272 -17.61 -13.84 -29.34
N PRO D 273 -16.80 -14.89 -29.54
CA PRO D 273 -15.36 -14.76 -29.25
C PRO D 273 -14.61 -13.86 -30.21
N SER D 274 -15.19 -13.55 -31.38
CA SER D 274 -14.51 -12.70 -32.36
C SER D 274 -14.78 -11.23 -32.12
N CYS D 275 -15.94 -10.86 -31.59
CA CYS D 275 -16.31 -9.46 -31.39
C CYS D 275 -16.29 -9.03 -29.95
N HIS D 276 -16.60 -9.90 -28.97
CA HIS D 276 -16.65 -9.52 -27.55
C HIS D 276 -15.26 -9.11 -27.07
N SER D 277 -14.20 -9.62 -27.68
CA SER D 277 -12.87 -9.22 -27.25
C SER D 277 -12.59 -7.75 -27.55
N CYS D 278 -13.03 -7.25 -28.70
CA CYS D 278 -12.84 -5.83 -29.00
C CYS D 278 -13.60 -4.96 -28.01
N VAL D 279 -14.74 -5.44 -27.50
CA VAL D 279 -15.55 -4.78 -26.46
C VAL D 279 -14.79 -4.75 -25.13
N LEU D 280 -14.09 -5.83 -24.78
CA LEU D 280 -13.13 -5.82 -23.66
C LEU D 280 -12.02 -4.80 -23.90
N ILE D 281 -11.49 -4.67 -25.12
CA ILE D 281 -10.37 -3.78 -25.39
C ILE D 281 -10.77 -2.33 -25.16
N LEU D 282 -11.90 -1.89 -25.70
CA LEU D 282 -12.38 -0.51 -25.52
C LEU D 282 -12.92 -0.27 -24.10
N GLY D 283 -13.52 -1.28 -23.46
CA GLY D 283 -14.08 -1.18 -22.12
C GLY D 283 -13.02 -1.06 -21.01
N ASN D 284 -11.88 -1.72 -21.14
CA ASN D 284 -10.83 -1.77 -20.13
C ASN D 284 -9.78 -0.67 -20.39
N LYS D 285 -9.39 0.11 -19.37
CA LYS D 285 -8.42 1.21 -19.48
C LYS D 285 -7.09 0.74 -20.07
N LYS D 286 -6.53 -0.32 -19.51
CA LYS D 286 -5.23 -0.85 -19.91
C LYS D 286 -5.23 -1.25 -21.38
N LEU D 287 -6.30 -1.90 -21.86
CA LEU D 287 -6.35 -2.31 -23.25
C LEU D 287 -6.60 -1.13 -24.17
N ARG D 288 -7.44 -0.18 -23.76
CA ARG D 288 -7.71 1.03 -24.52
C ARG D 288 -6.42 1.81 -24.72
N GLN D 289 -5.64 2.00 -23.66
CA GLN D 289 -4.37 2.71 -23.75
C GLN D 289 -3.40 1.96 -24.65
N ALA D 290 -3.36 0.63 -24.55
CA ALA D 290 -2.48 -0.15 -25.42
C ALA D 290 -2.87 0.01 -26.88
N SER D 291 -4.18 0.01 -27.17
CA SER D 291 -4.63 0.18 -28.55
C SER D 291 -4.25 1.56 -29.09
N LEU D 292 -4.45 2.60 -28.26
CA LEU D 292 -4.05 3.93 -28.69
C LEU D 292 -2.55 4.04 -28.91
N SER D 293 -1.76 3.40 -28.04
CA SER D 293 -0.31 3.41 -28.22
C SER D 293 0.07 2.70 -29.52
N VAL D 294 -0.60 1.59 -29.83
CA VAL D 294 -0.32 0.88 -31.08
C VAL D 294 -0.66 1.77 -32.27
N LEU D 295 -1.80 2.45 -32.23
CA LEU D 295 -2.20 3.33 -33.33
C LEU D 295 -1.17 4.43 -33.53
N LEU D 296 -0.77 5.08 -32.43
CA LEU D 296 0.19 6.17 -32.53
C LEU D 296 1.56 5.68 -32.96
N TRP D 297 1.96 4.47 -32.55
CA TRP D 297 3.22 3.90 -33.03
C TRP D 297 3.16 3.62 -34.51
N LEU D 298 2.04 3.10 -35.00
CA LEU D 298 1.87 2.90 -36.44
C LEU D 298 1.99 4.22 -37.18
N ARG D 299 1.37 5.27 -36.64
CA ARG D 299 1.49 6.59 -37.27
C ARG D 299 2.95 7.04 -37.28
N TYR D 300 3.65 6.90 -36.15
CA TYR D 300 5.03 7.39 -36.06
C TYR D 300 5.95 6.65 -37.01
N MET D 301 5.84 5.32 -37.07
CA MET D 301 6.71 4.55 -37.95
C MET D 301 6.47 4.88 -39.41
N PHE D 302 5.31 5.46 -39.73
CA PHE D 302 5.03 5.92 -41.07
C PHE D 302 5.72 7.25 -41.33
N LYS D 303 6.88 7.22 -41.98
CA LYS D 303 7.64 8.43 -42.26
C LYS D 303 8.84 8.13 -43.13
C10 A1AEI E . -18.68 -4.66 -17.74
C13 A1AEI E . -20.47 -7.68 -16.65
C20 A1AEI E . -21.18 -7.75 -14.37
C21 A1AEI E . -20.93 -6.40 -14.26
C22 A1AEI E . -20.47 -5.67 -15.34
C01 A1AEI E . -15.21 -4.52 -18.99
C02 A1AEI E . -16.54 -4.12 -18.34
C03 A1AEI E . -16.71 -2.86 -17.80
C04 A1AEI E . -17.93 -2.56 -17.23
C05 A1AEI E . -18.17 -1.18 -16.61
C12 A1AEI E . -20.23 -6.32 -16.54
C14 A1AEI E . -20.20 -8.35 -17.99
C19 A1AEI E . -20.94 -8.40 -15.57
F06 A1AEI E . -17.00 -0.73 -16.06
F07 A1AEI E . -18.59 -0.33 -17.58
F08 A1AEI E . -19.12 -1.28 -15.64
N09 A1AEI E . -18.88 -3.47 -17.22
N11 A1AEI E . -19.75 -5.63 -17.72
N15 A1AEI E . -19.10 -8.16 -18.77
N16 A1AEI E . -19.23 -8.93 -19.86
N17 A1AEI E . -20.37 -9.57 -19.79
N18 A1AEI E . -20.98 -9.24 -18.65
N23 A1AEI E . -17.54 -4.98 -18.29
C10 A1AEI F . -19.25 -26.80 -34.59
C13 A1AEI F . -22.31 -26.35 -34.06
C20 A1AEI F . -23.48 -24.31 -33.56
C21 A1AEI F . -22.35 -23.82 -32.94
C22 A1AEI F . -21.20 -24.58 -32.88
C01 A1AEI F . -17.36 -24.69 -36.93
C02 A1AEI F . -18.05 -25.89 -36.28
C03 A1AEI F . -18.00 -27.13 -36.91
C04 A1AEI F . -18.63 -28.20 -36.29
C05 A1AEI F . -18.62 -29.58 -36.94
C12 A1AEI F . -21.18 -25.84 -33.44
C14 A1AEI F . -22.31 -27.73 -34.71
C19 A1AEI F . -23.46 -25.57 -34.12
F06 A1AEI F . -17.76 -30.39 -36.25
F07 A1AEI F . -19.87 -30.10 -36.92
F08 A1AEI F . -18.19 -29.46 -38.23
N09 A1AEI F . -19.24 -28.00 -35.15
N11 A1AEI F . -19.95 -26.61 -33.35
N15 A1AEI F . -22.16 -27.97 -36.04
N16 A1AEI F . -22.21 -29.30 -36.23
N17 A1AEI F . -22.38 -29.88 -35.07
N18 A1AEI F . -22.45 -28.94 -34.10
N23 A1AEI F . -18.67 -25.76 -35.14
#